data_7F28
#
_entry.id   7F28
#
_cell.length_a   54.708
_cell.length_b   104.243
_cell.length_c   98.179
_cell.angle_alpha   90.000
_cell.angle_beta   98.240
_cell.angle_gamma   90.000
#
_symmetry.space_group_name_H-M   'P 1 21 1'
#
loop_
_entity.id
_entity.type
_entity.pdbx_description
1 polymer 'Ketoacyl_synth_N domain-containing protein'
2 polymer 'Putative 3-oxoacyl-[ACP] synthase FabV'
3 water water
#
loop_
_entity_poly.entity_id
_entity_poly.type
_entity_poly.pdbx_seq_one_letter_code
_entity_poly.pdbx_strand_id
1 'polypeptide(L)'
;MVTLHLAHLTLTHAQPSYAALECIPAMQRRRLSPLAKLALNTAISSLDGRSADYIVWVSKYGDEAKTLNILQDVLNDQTP
SPTQFSTSVHNAISGLYSILCQDDTPSTSLSCSWTEGLIEAYALLKSMPEIKRVLVVAYDEPLPNIYAEAINFPAYAMAA
VVTLEQPNLQITAWTHTDEAEAPAFAHFWQDADQLTSAFGWNKC
;
A,C
2 'polypeptide(L)'
;MKHLPSENAAPMAVGIQFSVGLSALGCELNQIKQALQQPQQTLSLRDDLIADRDVWVGQYTHPLCSSVPDAMRSVDSRNL
RFALTALSKIETELKAYTASFENKRLAIVVGTSTSGIADNELLLKQYFQGQTDLSISHYPQEMSCLAKALQQYLGWEGPA
YTISTACSSSAKALAAGQRLLHADLADVVLVGGVDTLCKLTLNGFNSLESLSAHICQPCGISRDGINIGEAAAFFVLSKE
QAPVMLMGAGETMDAWHISAPHPEGKGAALAMQRALDMAHISAQEVGYINLHGTATPQNDAMEIKAVRQVFGVYQVALSS
TKHKTGHCLGAAGAIEAFICEQVLKDQSWLPLHQNVEIDPDLVDQNYVQEAELTQPIRYVMSNSFAFGGSNISLVFGVKP
;
B,D
#
# COMPACT_ATOMS: atom_id res chain seq x y z
N VAL A 2 -5.13 -3.82 21.30
CA VAL A 2 -4.69 -2.53 20.77
C VAL A 2 -3.26 -2.20 21.22
N THR A 3 -2.33 -2.27 20.27
CA THR A 3 -0.94 -1.90 20.54
C THR A 3 -0.52 -0.89 19.49
N LEU A 4 0.16 0.15 19.94
CA LEU A 4 0.52 1.28 19.12
C LEU A 4 1.96 1.68 19.41
N HIS A 5 2.60 2.24 18.41
CA HIS A 5 3.83 3.00 18.63
C HIS A 5 3.43 4.47 18.74
N LEU A 6 3.70 5.08 19.89
CA LEU A 6 3.37 6.48 20.14
C LEU A 6 4.66 7.29 20.22
N ALA A 7 4.69 8.43 19.54
CA ALA A 7 5.89 9.27 19.51
C ALA A 7 5.49 10.74 19.47
N HIS A 8 6.45 11.60 19.79
CA HIS A 8 6.29 13.06 19.72
C HIS A 8 5.16 13.56 20.61
N LEU A 9 5.03 12.98 21.79
CA LEU A 9 4.02 13.43 22.75
C LEU A 9 4.33 14.85 23.18
N THR A 10 3.38 15.77 23.00
CA THR A 10 3.57 17.16 23.42
C THR A 10 2.33 17.63 24.16
N LEU A 11 2.54 18.21 25.35
CA LEU A 11 1.45 18.76 26.15
C LEU A 11 1.70 20.25 26.31
N THR A 12 0.75 21.06 25.83
CA THR A 12 0.86 22.52 25.83
C THR A 12 -0.19 23.13 26.76
N HIS A 13 0.20 24.16 27.51
CA HIS A 13 -0.69 24.96 28.32
C HIS A 13 -0.67 26.39 27.80
N ALA A 14 -1.51 27.25 28.40
CA ALA A 14 -1.64 28.62 27.93
C ALA A 14 -0.30 29.33 27.92
N GLN A 15 -0.06 30.10 26.87
CA GLN A 15 1.19 30.84 26.69
C GLN A 15 0.89 32.21 26.12
N PRO A 16 1.71 33.22 26.45
CA PRO A 16 1.49 34.54 25.88
C PRO A 16 1.73 34.59 24.39
N SER A 17 2.57 33.71 23.85
CA SER A 17 2.79 33.60 22.42
C SER A 17 3.12 32.15 22.09
N TYR A 18 2.87 31.78 20.84
CA TYR A 18 3.08 30.40 20.39
C TYR A 18 4.06 30.41 19.24
N ALA A 19 5.23 29.80 19.45
CA ALA A 19 6.25 29.72 18.40
C ALA A 19 5.72 29.01 17.15
N ALA A 20 5.09 27.84 17.35
CA ALA A 20 4.65 27.04 16.20
C ALA A 20 3.69 27.79 15.30
N LEU A 21 2.93 28.76 15.84
CA LEU A 21 1.92 29.48 15.06
C LEU A 21 2.51 30.56 14.17
N GLU A 22 3.84 30.67 14.09
CA GLU A 22 4.45 31.69 13.24
C GLU A 22 4.12 31.48 11.77
N CYS A 23 3.91 30.23 11.35
CA CYS A 23 3.61 29.93 9.95
C CYS A 23 2.24 30.40 9.52
N ILE A 24 1.41 30.85 10.44
CA ILE A 24 0.08 31.38 10.11
C ILE A 24 0.18 32.90 10.11
N PRO A 25 -0.35 33.59 9.10
CA PRO A 25 -0.20 35.04 9.06
C PRO A 25 -0.89 35.67 10.25
N ALA A 26 -0.28 36.73 10.79
CA ALA A 26 -0.67 37.23 12.11
C ALA A 26 -2.11 37.71 12.15
N MET A 27 -2.65 38.20 11.03
CA MET A 27 -4.03 38.68 11.02
C MET A 27 -5.01 37.57 11.40
N GLN A 28 -4.90 36.41 10.72
CA GLN A 28 -5.73 35.26 11.03
C GLN A 28 -5.35 34.63 12.36
N ARG A 29 -4.05 34.57 12.65
CA ARG A 29 -3.61 34.01 13.93
C ARG A 29 -4.26 34.73 15.10
N ARG A 30 -4.43 36.06 14.98
CA ARG A 30 -4.99 36.83 16.09
C ARG A 30 -6.48 36.56 16.28
N ARG A 31 -7.15 36.06 15.25
CA ARG A 31 -8.57 35.78 15.36
C ARG A 31 -8.89 34.39 15.87
N LEU A 32 -7.89 33.53 16.04
CA LEU A 32 -8.12 32.25 16.71
C LEU A 32 -8.50 32.47 18.16
N SER A 33 -9.51 31.74 18.62
CA SER A 33 -9.82 31.68 20.04
C SER A 33 -8.61 31.19 20.82
N PRO A 34 -8.55 31.44 22.13
CA PRO A 34 -7.45 30.88 22.93
C PRO A 34 -7.32 29.36 22.80
N LEU A 35 -8.44 28.65 22.76
CA LEU A 35 -8.39 27.20 22.67
C LEU A 35 -7.92 26.76 21.29
N ALA A 36 -8.29 27.50 20.24
CA ALA A 36 -7.84 27.19 18.90
C ALA A 36 -6.34 27.37 18.76
N LYS A 37 -5.79 28.40 19.41
CA LYS A 37 -4.34 28.60 19.42
C LYS A 37 -3.63 27.42 20.06
N LEU A 38 -4.10 27.01 21.24
CA LEU A 38 -3.52 25.85 21.91
C LEU A 38 -3.53 24.61 21.03
N ALA A 39 -4.68 24.30 20.42
CA ALA A 39 -4.79 23.06 19.66
C ALA A 39 -3.91 23.08 18.43
N LEU A 40 -3.96 24.19 17.68
CA LEU A 40 -3.16 24.28 16.45
C LEU A 40 -1.67 24.28 16.76
N ASN A 41 -1.25 25.03 17.78
CA ASN A 41 0.16 25.03 18.19
C ASN A 41 0.65 23.61 18.45
N THR A 42 -0.12 22.85 19.24
CA THR A 42 0.31 21.51 19.62
C THR A 42 0.30 20.55 18.44
N ALA A 43 -0.66 20.73 17.52
CA ALA A 43 -0.71 19.88 16.32
C ALA A 43 0.54 20.09 15.47
N ILE A 44 0.90 21.34 15.22
CA ILE A 44 2.12 21.64 14.45
C ILE A 44 3.34 21.10 15.16
N SER A 45 3.42 21.30 16.49
CA SER A 45 4.60 20.90 17.26
C SER A 45 4.83 19.41 17.20
N SER A 46 3.78 18.62 17.38
CA SER A 46 3.92 17.17 17.36
C SER A 46 4.29 16.68 15.96
N LEU A 47 3.73 17.31 14.93
CA LEU A 47 4.05 16.91 13.57
C LEU A 47 5.52 17.14 13.26
N ASP A 48 6.09 18.21 13.82
CA ASP A 48 7.53 18.49 13.76
C ASP A 48 8.03 18.49 12.32
N GLY A 49 7.28 19.15 11.45
CA GLY A 49 7.62 19.20 10.04
C GLY A 49 7.21 18.00 9.22
N ARG A 50 6.83 16.89 9.86
CA ARG A 50 6.36 15.71 9.12
C ARG A 50 4.89 15.89 8.76
N SER A 51 4.30 14.87 8.16
CA SER A 51 2.88 14.89 7.83
C SER A 51 2.19 13.69 8.47
N ALA A 52 0.87 13.64 8.29
CA ALA A 52 0.07 12.53 8.79
C ALA A 52 -0.90 12.12 7.70
N ASP A 53 -1.36 10.87 7.78
CA ASP A 53 -2.36 10.41 6.82
C ASP A 53 -3.79 10.64 7.31
N TYR A 54 -3.98 10.92 8.60
CA TYR A 54 -5.30 11.18 9.17
C TYR A 54 -5.08 11.90 10.49
N ILE A 55 -6.01 12.77 10.86
CA ILE A 55 -5.94 13.50 12.12
C ILE A 55 -7.19 13.21 12.94
N VAL A 56 -7.00 12.82 14.17
CA VAL A 56 -8.08 12.60 15.11
C VAL A 56 -8.02 13.72 16.14
N TRP A 57 -8.99 14.64 16.09
CA TRP A 57 -9.13 15.67 17.11
C TRP A 57 -10.10 15.21 18.21
N VAL A 58 -9.74 15.46 19.46
CA VAL A 58 -10.50 14.97 20.60
C VAL A 58 -10.75 16.11 21.57
N SER A 59 -12.01 16.33 21.94
CA SER A 59 -12.35 17.36 22.92
C SER A 59 -13.65 16.99 23.61
N LYS A 60 -13.64 16.90 24.95
CA LYS A 60 -14.87 16.62 25.67
C LYS A 60 -15.90 17.72 25.46
N TYR A 61 -15.48 18.99 25.64
CA TYR A 61 -16.41 20.10 25.70
C TYR A 61 -16.43 20.98 24.46
N GLY A 62 -15.35 21.02 23.68
CA GLY A 62 -15.32 22.03 22.64
C GLY A 62 -15.13 23.42 23.24
N ASP A 63 -15.58 24.45 22.51
CA ASP A 63 -15.55 25.82 23.02
C ASP A 63 -16.93 26.14 23.61
N GLU A 64 -17.12 25.74 24.86
CA GLU A 64 -18.40 25.99 25.51
C GLU A 64 -18.60 27.47 25.81
N ALA A 65 -17.53 28.22 26.01
CA ALA A 65 -17.67 29.65 26.29
C ALA A 65 -18.27 30.37 25.10
N LYS A 66 -17.81 30.04 23.88
CA LYS A 66 -18.34 30.65 22.66
C LYS A 66 -19.79 30.26 22.43
N THR A 67 -20.13 28.98 22.63
CA THR A 67 -21.51 28.54 22.49
C THR A 67 -22.42 29.26 23.48
N LEU A 68 -21.92 29.56 24.68
CA LEU A 68 -22.72 30.27 25.67
C LEU A 68 -23.09 31.67 25.18
N ASN A 69 -22.12 32.40 24.62
CA ASN A 69 -22.40 33.75 24.14
C ASN A 69 -23.42 33.74 22.99
N ILE A 70 -23.30 32.78 22.08
CA ILE A 70 -24.28 32.63 21.01
C ILE A 70 -25.65 32.36 21.58
N LEU A 71 -25.74 31.46 22.57
CA LEU A 71 -27.01 31.10 23.15
C LEU A 71 -27.67 32.28 23.84
N GLN A 72 -26.88 33.16 24.46
CA GLN A 72 -27.47 34.34 25.08
C GLN A 72 -28.22 35.17 24.05
N ASP A 73 -27.58 35.45 22.92
CA ASP A 73 -28.24 36.17 21.84
C ASP A 73 -29.50 35.44 21.39
N VAL A 74 -29.38 34.15 21.09
CA VAL A 74 -30.53 33.36 20.65
C VAL A 74 -31.67 33.44 21.65
N LEU A 75 -31.39 33.15 22.92
CA LEU A 75 -32.44 33.15 23.94
C LEU A 75 -32.89 34.56 24.33
N ASN A 76 -32.27 35.60 23.78
CA ASN A 76 -32.75 36.97 23.89
C ASN A 76 -33.42 37.42 22.60
N ASP A 77 -33.75 36.47 21.70
CA ASP A 77 -34.43 36.74 20.44
C ASP A 77 -33.60 37.64 19.52
N GLN A 78 -32.28 37.64 19.71
CA GLN A 78 -31.38 38.31 18.78
C GLN A 78 -30.74 37.29 17.86
N THR A 79 -30.40 37.71 16.66
CA THR A 79 -29.72 36.85 15.72
C THR A 79 -28.23 36.80 16.06
N PRO A 80 -27.66 35.63 16.31
CA PRO A 80 -26.25 35.57 16.75
C PRO A 80 -25.29 35.97 15.65
N SER A 81 -24.03 36.09 16.03
CA SER A 81 -22.96 36.35 15.06
C SER A 81 -22.74 35.13 14.19
N PRO A 82 -22.73 35.29 12.86
CA PRO A 82 -22.57 34.10 12.00
C PRO A 82 -21.16 33.53 12.02
N THR A 83 -20.14 34.38 12.13
CA THR A 83 -18.77 33.87 12.22
C THR A 83 -18.52 33.17 13.55
N GLN A 84 -19.12 33.67 14.64
CA GLN A 84 -19.00 32.97 15.91
C GLN A 84 -19.67 31.60 15.84
N PHE A 85 -20.88 31.54 15.29
CA PHE A 85 -21.57 30.26 15.17
C PHE A 85 -20.77 29.28 14.33
N SER A 86 -20.31 29.71 13.16
CA SER A 86 -19.60 28.79 12.27
C SER A 86 -18.30 28.28 12.90
N THR A 87 -17.67 29.07 13.77
CA THR A 87 -16.47 28.63 14.47
C THR A 87 -16.76 28.05 15.86
N SER A 88 -18.03 27.84 16.20
CA SER A 88 -18.42 27.22 17.45
C SER A 88 -18.73 25.74 17.32
N VAL A 89 -18.91 25.23 16.10
CA VAL A 89 -19.19 23.81 15.93
C VAL A 89 -18.01 22.99 16.47
N HIS A 90 -18.31 21.74 16.82
CA HIS A 90 -17.32 20.92 17.51
C HIS A 90 -16.10 20.64 16.67
N ASN A 91 -16.23 20.61 15.34
CA ASN A 91 -15.09 20.37 14.46
C ASN A 91 -14.51 21.65 13.88
N ALA A 92 -14.80 22.81 14.48
CA ALA A 92 -14.30 24.06 13.90
C ALA A 92 -12.77 24.12 13.93
N ILE A 93 -12.16 23.64 15.01
CA ILE A 93 -10.70 23.70 15.11
C ILE A 93 -10.06 22.83 14.03
N SER A 94 -10.57 21.60 13.81
CA SER A 94 -10.06 20.79 12.71
C SER A 94 -10.16 21.52 11.37
N GLY A 95 -11.26 22.26 11.16
CA GLY A 95 -11.41 23.01 9.93
C GLY A 95 -10.48 24.20 9.86
N LEU A 96 -10.28 24.89 10.99
CA LEU A 96 -9.33 26.00 11.03
C LEU A 96 -7.91 25.53 10.77
N TYR A 97 -7.50 24.42 11.42
CA TYR A 97 -6.19 23.86 11.14
C TYR A 97 -6.02 23.61 9.65
N SER A 98 -6.99 22.93 9.04
CA SER A 98 -6.83 22.55 7.63
C SER A 98 -6.70 23.77 6.72
N ILE A 99 -7.39 24.86 7.04
CA ILE A 99 -7.35 26.03 6.17
C ILE A 99 -6.10 26.85 6.42
N LEU A 100 -5.80 27.16 7.68
CA LEU A 100 -4.73 28.08 7.99
C LEU A 100 -3.36 27.44 7.79
N CYS A 101 -3.26 26.13 7.91
CA CYS A 101 -2.01 25.44 7.67
C CYS A 101 -1.98 24.77 6.30
N GLN A 102 -3.04 24.93 5.53
CA GLN A 102 -3.13 24.41 4.16
C GLN A 102 -2.83 22.91 4.12
N ASP A 103 -3.51 22.15 4.98
CA ASP A 103 -3.29 20.72 5.16
C ASP A 103 -4.66 20.06 5.00
N ASP A 104 -4.90 19.45 3.85
CA ASP A 104 -6.18 18.81 3.58
C ASP A 104 -6.22 17.36 4.05
N THR A 105 -5.35 16.97 4.98
CA THR A 105 -5.36 15.62 5.52
C THR A 105 -6.75 15.29 6.06
N PRO A 106 -7.31 14.12 5.73
CA PRO A 106 -8.64 13.76 6.27
C PRO A 106 -8.62 13.74 7.79
N SER A 107 -9.76 14.06 8.39
CA SER A 107 -9.80 14.19 9.83
C SER A 107 -11.18 13.85 10.39
N THR A 108 -11.21 13.67 11.71
CA THR A 108 -12.45 13.47 12.45
C THR A 108 -12.31 14.22 13.76
N SER A 109 -13.47 14.55 14.35
CA SER A 109 -13.52 15.24 15.62
C SER A 109 -14.44 14.45 16.54
N LEU A 110 -13.92 14.10 17.70
CA LEU A 110 -14.56 13.19 18.64
C LEU A 110 -14.82 13.93 19.94
N SER A 111 -15.85 13.49 20.66
CA SER A 111 -16.08 13.89 22.04
C SER A 111 -15.92 12.61 22.86
N CYS A 112 -14.77 12.45 23.51
CA CYS A 112 -14.44 11.22 24.21
C CYS A 112 -13.12 11.46 24.94
N SER A 113 -12.61 10.39 25.57
CA SER A 113 -11.37 10.45 26.31
C SER A 113 -10.16 10.21 25.41
N TRP A 114 -8.97 10.39 25.98
CA TRP A 114 -7.72 10.17 25.24
C TRP A 114 -7.61 8.72 24.76
N THR A 115 -8.04 7.75 25.58
CA THR A 115 -7.95 6.35 25.17
C THR A 115 -8.79 6.06 23.91
N GLU A 116 -10.02 6.60 23.85
CA GLU A 116 -10.84 6.34 22.66
C GLU A 116 -10.29 7.02 21.41
N GLY A 117 -9.67 8.19 21.56
CA GLY A 117 -8.97 8.78 20.43
C GLY A 117 -7.88 7.87 19.91
N LEU A 118 -7.12 7.24 20.81
CA LEU A 118 -6.10 6.28 20.42
C LEU A 118 -6.73 5.04 19.79
N ILE A 119 -7.89 4.62 20.28
CA ILE A 119 -8.57 3.47 19.67
C ILE A 119 -9.00 3.83 18.25
N GLU A 120 -9.57 5.02 18.05
CA GLU A 120 -9.93 5.43 16.70
C GLU A 120 -8.71 5.47 15.78
N ALA A 121 -7.58 5.96 16.29
CA ALA A 121 -6.34 5.96 15.51
C ALA A 121 -5.90 4.55 15.13
N TYR A 122 -5.92 3.62 16.10
CA TYR A 122 -5.55 2.24 15.81
C TYR A 122 -6.42 1.66 14.71
N ALA A 123 -7.74 1.84 14.85
CA ALA A 123 -8.67 1.34 13.85
C ALA A 123 -8.37 1.88 12.46
N LEU A 124 -8.03 3.17 12.37
CA LEU A 124 -7.67 3.77 11.09
C LEU A 124 -6.41 3.11 10.51
N LEU A 125 -5.36 2.99 11.32
CA LEU A 125 -4.10 2.38 10.89
C LEU A 125 -4.28 0.91 10.53
N LYS A 126 -5.01 0.17 11.35
CA LYS A 126 -5.08 -1.29 11.16
C LYS A 126 -5.96 -1.64 9.96
N SER A 127 -7.02 -0.88 9.70
CA SER A 127 -7.95 -1.25 8.64
C SER A 127 -7.64 -0.62 7.31
N MET A 128 -6.93 0.51 7.28
CA MET A 128 -6.69 1.26 6.05
C MET A 128 -5.25 1.13 5.60
N PRO A 129 -4.96 0.43 4.49
CA PRO A 129 -3.56 0.28 4.06
C PRO A 129 -2.88 1.59 3.76
N GLU A 130 -3.59 2.59 3.28
CA GLU A 130 -2.94 3.84 2.92
C GLU A 130 -2.76 4.78 4.10
N ILE A 131 -3.23 4.42 5.28
CA ILE A 131 -3.05 5.26 6.48
C ILE A 131 -1.93 4.60 7.29
N LYS A 132 -0.81 5.31 7.42
CA LYS A 132 0.36 4.75 8.09
C LYS A 132 0.79 5.55 9.29
N ARG A 133 0.43 6.83 9.36
CA ARG A 133 0.68 7.70 10.50
C ARG A 133 -0.59 8.46 10.81
N VAL A 134 -0.99 8.47 12.10
CA VAL A 134 -2.17 9.21 12.55
C VAL A 134 -1.74 10.21 13.61
N LEU A 135 -2.17 11.46 13.45
CA LEU A 135 -1.99 12.46 14.51
C LEU A 135 -3.23 12.51 15.39
N VAL A 136 -3.04 12.45 16.71
CA VAL A 136 -4.14 12.53 17.67
C VAL A 136 -3.90 13.78 18.50
N VAL A 137 -4.90 14.66 18.55
CA VAL A 137 -4.80 15.95 19.24
C VAL A 137 -6.01 16.12 20.15
N ALA A 138 -5.76 16.15 21.46
CA ALA A 138 -6.78 16.38 22.46
C ALA A 138 -6.67 17.81 22.99
N TYR A 139 -7.81 18.41 23.32
CA TYR A 139 -7.77 19.77 23.87
C TYR A 139 -9.05 20.03 24.65
N ASP A 140 -8.94 20.90 25.66
CA ASP A 140 -10.10 21.28 26.45
C ASP A 140 -9.74 22.48 27.31
N GLU A 141 -10.76 23.26 27.64
CA GLU A 141 -10.66 24.30 28.66
C GLU A 141 -11.83 24.13 29.61
N PRO A 142 -11.72 24.62 30.85
CA PRO A 142 -12.78 24.39 31.84
C PRO A 142 -14.12 24.99 31.43
N LEU A 143 -15.19 24.43 32.00
CA LEU A 143 -16.55 24.82 31.68
C LEU A 143 -16.88 26.18 32.31
N PRO A 144 -17.75 26.96 31.68
CA PRO A 144 -18.29 28.16 32.33
C PRO A 144 -18.87 27.80 33.70
N ASN A 145 -18.62 28.65 34.71
CA ASN A 145 -19.02 28.30 36.08
C ASN A 145 -20.55 28.27 36.25
N ILE A 146 -21.30 28.73 35.25
CA ILE A 146 -22.75 28.61 35.28
C ILE A 146 -23.20 27.16 35.47
N TYR A 147 -22.39 26.20 35.01
CA TYR A 147 -22.75 24.78 35.08
C TYR A 147 -22.35 24.16 36.42
N ALA A 148 -23.19 23.27 36.93
CA ALA A 148 -22.99 22.68 38.25
C ALA A 148 -21.71 21.86 38.32
N GLU A 149 -21.36 21.15 37.25
CA GLU A 149 -20.15 20.33 37.28
C GLU A 149 -18.89 21.11 36.99
N ALA A 150 -18.98 22.41 36.76
CA ALA A 150 -17.80 23.18 36.35
C ALA A 150 -16.71 23.10 37.41
N ILE A 151 -15.51 22.77 36.97
CA ILE A 151 -14.32 22.74 37.84
C ILE A 151 -13.18 23.35 37.06
N ASN A 152 -12.40 24.21 37.73
CA ASN A 152 -11.28 24.83 37.04
C ASN A 152 -10.14 23.84 36.84
N PHE A 153 -9.52 23.91 35.67
CA PHE A 153 -8.25 23.24 35.41
C PHE A 153 -7.54 24.07 34.36
N PRO A 154 -6.21 23.96 34.26
CA PRO A 154 -5.50 24.75 33.24
C PRO A 154 -5.84 24.21 31.85
N ALA A 155 -6.29 25.10 30.96
CA ALA A 155 -6.57 24.69 29.59
C ALA A 155 -5.34 24.04 28.96
N TYR A 156 -5.58 23.09 28.06
CA TYR A 156 -4.46 22.30 27.54
C TYR A 156 -4.76 21.82 26.13
N ALA A 157 -3.70 21.51 25.39
CA ALA A 157 -3.77 20.63 24.23
C ALA A 157 -2.64 19.61 24.35
N MET A 158 -2.91 18.40 23.88
CA MET A 158 -1.91 17.33 23.90
C MET A 158 -2.00 16.59 22.58
N ALA A 159 -0.85 16.35 21.95
CA ALA A 159 -0.85 15.68 20.65
C ALA A 159 0.25 14.63 20.61
N ALA A 160 0.06 13.63 19.75
CA ALA A 160 1.11 12.66 19.49
C ALA A 160 0.89 12.07 18.11
N VAL A 161 1.94 11.45 17.57
CA VAL A 161 1.89 10.75 16.30
C VAL A 161 1.87 9.26 16.59
N VAL A 162 0.94 8.53 15.97
CA VAL A 162 0.75 7.13 16.27
C VAL A 162 0.91 6.33 14.99
N THR A 163 1.61 5.19 15.10
CA THR A 163 1.84 4.25 14.01
C THR A 163 1.71 2.85 14.58
N LEU A 164 1.75 1.84 13.71
CA LEU A 164 1.50 0.46 14.09
C LEU A 164 2.75 -0.35 14.42
N GLU A 165 3.85 -0.11 13.72
CA GLU A 165 5.00 -1.02 13.78
C GLU A 165 5.84 -0.80 15.02
N GLN A 166 6.32 -1.90 15.58
CA GLN A 166 7.16 -1.88 16.78
C GLN A 166 6.47 -1.08 17.88
N PRO A 167 5.31 -1.53 18.35
CA PRO A 167 4.56 -0.74 19.33
C PRO A 167 5.34 -0.59 20.63
N ASN A 168 5.16 0.57 21.27
CA ASN A 168 5.64 0.82 22.61
C ASN A 168 4.51 1.07 23.60
N LEU A 169 3.25 0.98 23.17
CA LEU A 169 2.11 1.24 24.02
C LEU A 169 1.05 0.17 23.78
N GLN A 170 0.46 -0.32 24.86
CA GLN A 170 -0.63 -1.27 24.76
C GLN A 170 -1.80 -0.79 25.61
N ILE A 171 -3.01 -0.93 25.08
CA ILE A 171 -4.23 -0.52 25.77
C ILE A 171 -4.98 -1.78 26.13
N THR A 172 -5.12 -2.04 27.43
CA THR A 172 -5.67 -3.30 27.90
C THR A 172 -7.07 -3.17 28.44
N ALA A 173 -7.59 -1.95 28.56
CA ALA A 173 -8.92 -1.75 29.10
C ALA A 173 -9.48 -0.44 28.56
N TRP A 174 -10.79 -0.42 28.34
CA TRP A 174 -11.43 0.63 27.55
C TRP A 174 -12.93 0.73 27.81
N THR A 175 -13.38 0.30 29.00
CA THR A 175 -14.75 0.49 29.45
C THR A 175 -14.85 1.46 30.63
N HIS A 176 -13.73 1.74 31.31
CA HIS A 176 -13.67 2.70 32.40
C HIS A 176 -13.54 4.11 31.84
N THR A 177 -12.36 4.44 31.30
CA THR A 177 -12.19 5.49 30.29
C THR A 177 -12.31 6.92 30.83
N ASP A 178 -13.33 7.22 31.66
CA ASP A 178 -12.97 7.77 32.95
C ASP A 178 -12.41 9.18 33.06
N GLU A 179 -11.61 9.34 34.11
CA GLU A 179 -10.50 10.27 34.24
C GLU A 179 -9.29 9.85 33.31
N ALA A 180 -9.38 8.77 32.52
CA ALA A 180 -8.31 8.40 31.59
C ALA A 180 -8.07 9.47 30.52
N GLU A 181 -7.86 10.71 30.98
CA GLU A 181 -7.70 11.88 30.14
C GLU A 181 -6.26 12.02 29.65
N ALA A 182 -6.03 13.04 28.83
CA ALA A 182 -4.71 13.29 28.28
C ALA A 182 -3.69 13.68 29.36
N PRO A 183 -4.02 14.55 30.33
CA PRO A 183 -3.02 14.86 31.37
C PRO A 183 -2.56 13.66 32.18
N ALA A 184 -3.48 12.79 32.59
CA ALA A 184 -3.09 11.55 33.26
C ALA A 184 -2.20 10.70 32.34
N PHE A 185 -2.47 10.69 31.04
CA PHE A 185 -1.64 9.89 30.14
C PHE A 185 -0.22 10.46 30.06
N ALA A 186 -0.11 11.79 29.97
CA ALA A 186 1.20 12.41 29.91
C ALA A 186 2.03 12.09 31.15
N HIS A 187 1.41 12.16 32.32
CA HIS A 187 2.09 11.79 33.57
C HIS A 187 2.62 10.37 33.49
N PHE A 188 1.78 9.44 33.05
CA PHE A 188 2.19 8.04 32.89
C PHE A 188 3.28 7.90 31.84
N TRP A 189 3.10 8.52 30.67
CA TRP A 189 4.02 8.34 29.56
C TRP A 189 5.42 8.87 29.89
N GLN A 190 5.50 10.01 30.58
CA GLN A 190 6.77 10.64 30.86
C GLN A 190 7.46 10.14 32.13
N ASP A 191 6.84 9.25 32.90
CA ASP A 191 7.48 8.66 34.07
C ASP A 191 8.24 7.41 33.62
N ALA A 192 9.57 7.52 33.53
CA ALA A 192 10.41 6.45 33.03
C ALA A 192 10.32 5.17 33.88
N ASP A 193 9.97 5.27 35.16
CA ASP A 193 9.88 4.08 36.02
C ASP A 193 8.50 3.42 35.99
N GLN A 194 7.49 4.10 35.46
CA GLN A 194 6.10 3.64 35.49
C GLN A 194 5.82 2.85 34.21
N LEU A 195 5.63 1.53 34.33
CA LEU A 195 5.41 0.68 33.17
C LEU A 195 3.94 0.38 32.90
N THR A 196 3.07 0.41 33.91
CA THR A 196 1.66 0.15 33.74
C THR A 196 0.85 1.29 34.37
N SER A 197 -0.41 1.44 33.94
CA SER A 197 -1.31 2.41 34.55
C SER A 197 -2.62 1.73 34.89
N ALA A 198 -3.20 2.11 36.04
CA ALA A 198 -4.53 1.59 36.37
C ALA A 198 -5.57 1.99 35.34
N PHE A 199 -5.33 3.06 34.56
CA PHE A 199 -6.30 3.36 33.50
C PHE A 199 -6.22 2.40 32.31
N GLY A 200 -5.43 1.34 32.36
CA GLY A 200 -5.42 0.37 31.29
C GLY A 200 -4.40 0.62 30.20
N TRP A 201 -3.28 1.25 30.51
CA TRP A 201 -2.19 1.48 29.58
C TRP A 201 -0.95 0.75 30.07
N ASN A 202 -0.17 0.17 29.16
CA ASN A 202 1.11 -0.42 29.52
C ASN A 202 2.14 -0.04 28.47
N LYS A 203 3.37 0.14 28.90
CA LYS A 203 4.50 0.31 27.99
C LYS A 203 5.05 -1.07 27.62
N CYS A 204 5.53 -1.19 26.39
CA CYS A 204 6.03 -2.48 25.91
C CYS A 204 7.17 -2.34 24.90
N ALA B 9 -13.96 -9.34 -4.44
CA ALA B 9 -14.77 -9.02 -3.27
C ALA B 9 -14.29 -7.73 -2.60
N ALA B 10 -15.18 -7.10 -1.84
CA ALA B 10 -14.86 -5.82 -1.20
C ALA B 10 -14.31 -6.10 0.19
N PRO B 11 -13.01 -5.87 0.44
CA PRO B 11 -12.39 -6.37 1.69
C PRO B 11 -12.89 -5.67 2.95
N MET B 12 -13.51 -4.51 2.82
CA MET B 12 -13.99 -3.74 3.95
C MET B 12 -15.50 -3.85 4.17
N ALA B 13 -16.16 -4.75 3.44
CA ALA B 13 -17.61 -4.84 3.53
C ALA B 13 -18.05 -5.32 4.90
N VAL B 14 -19.08 -4.68 5.44
CA VAL B 14 -19.67 -5.07 6.71
C VAL B 14 -21.18 -5.13 6.51
N GLY B 15 -21.83 -6.10 7.15
CA GLY B 15 -23.25 -6.32 6.96
C GLY B 15 -24.09 -5.49 7.94
N ILE B 16 -25.19 -4.96 7.42
CA ILE B 16 -26.15 -4.24 8.25
C ILE B 16 -27.13 -5.28 8.78
N GLN B 17 -26.92 -5.73 10.03
CA GLN B 17 -27.73 -6.80 10.61
C GLN B 17 -29.10 -6.30 11.07
N PHE B 18 -29.14 -5.11 11.69
CA PHE B 18 -30.39 -4.48 12.11
C PHE B 18 -30.30 -3.00 11.77
N SER B 19 -31.46 -2.35 11.63
CA SER B 19 -31.47 -0.90 11.41
C SER B 19 -32.81 -0.32 11.85
N VAL B 20 -32.77 0.97 12.17
CA VAL B 20 -33.96 1.73 12.53
C VAL B 20 -33.75 3.17 12.10
N GLY B 21 -34.83 3.81 11.66
CA GLY B 21 -34.74 5.19 11.21
C GLY B 21 -36.00 5.97 11.56
N LEU B 22 -35.90 6.80 12.59
CA LEU B 22 -37.01 7.67 12.99
C LEU B 22 -36.74 9.09 12.51
N SER B 23 -37.75 9.74 11.93
CA SER B 23 -37.58 11.05 11.30
C SER B 23 -38.95 11.60 10.95
N ALA B 24 -38.99 12.76 10.26
CA ALA B 24 -40.25 13.28 9.74
C ALA B 24 -40.97 12.30 8.82
N LEU B 25 -40.27 11.31 8.26
CA LEU B 25 -40.88 10.34 7.35
C LEU B 25 -41.85 9.41 8.05
N GLY B 26 -41.73 9.23 9.37
CA GLY B 26 -42.65 8.41 10.12
C GLY B 26 -41.90 7.48 11.06
N CYS B 27 -42.65 6.57 11.68
CA CYS B 27 -42.08 5.69 12.69
C CYS B 27 -42.30 4.22 12.41
N GLU B 28 -42.95 3.86 11.29
CA GLU B 28 -43.14 2.48 10.84
C GLU B 28 -42.63 2.35 9.42
N LEU B 29 -42.00 1.21 9.13
CA LEU B 29 -41.31 1.02 7.85
C LEU B 29 -42.23 1.32 6.65
N ASN B 30 -43.49 0.85 6.70
CA ASN B 30 -44.39 1.06 5.58
C ASN B 30 -44.69 2.54 5.35
N GLN B 31 -44.86 3.31 6.43
CA GLN B 31 -45.12 4.74 6.31
C GLN B 31 -43.95 5.44 5.65
N ILE B 32 -42.73 5.13 6.11
CA ILE B 32 -41.53 5.81 5.62
C ILE B 32 -41.35 5.58 4.13
N LYS B 33 -41.53 4.33 3.69
CA LYS B 33 -41.39 4.05 2.27
C LYS B 33 -42.39 4.84 1.44
N GLN B 34 -43.66 4.87 1.87
CA GLN B 34 -44.68 5.61 1.12
C GLN B 34 -44.37 7.11 1.08
N ALA B 35 -43.85 7.66 2.16
CA ALA B 35 -43.51 9.07 2.20
C ALA B 35 -42.43 9.40 1.18
N LEU B 36 -41.47 8.48 0.96
CA LEU B 36 -40.40 8.75 0.02
C LEU B 36 -40.82 8.50 -1.42
N GLN B 37 -41.81 7.64 -1.64
CA GLN B 37 -42.27 7.30 -2.98
C GLN B 37 -43.33 8.26 -3.51
N GLN B 38 -43.89 9.12 -2.68
CA GLN B 38 -45.01 9.98 -3.06
C GLN B 38 -44.71 11.42 -2.72
N PRO B 39 -45.29 12.36 -3.43
CA PRO B 39 -45.08 13.77 -3.08
C PRO B 39 -45.84 14.16 -1.82
N GLN B 40 -45.66 13.38 -0.77
CA GLN B 40 -46.15 13.74 0.56
C GLN B 40 -45.39 14.94 1.09
N GLN B 41 -46.12 15.87 1.70
CA GLN B 41 -45.47 16.97 2.40
C GLN B 41 -45.28 16.58 3.86
N THR B 42 -44.05 16.24 4.23
CA THR B 42 -43.77 15.69 5.56
C THR B 42 -43.22 16.71 6.54
N LEU B 43 -42.89 17.92 6.11
CA LEU B 43 -42.36 18.90 7.03
C LEU B 43 -43.51 19.54 7.82
N SER B 44 -43.16 20.09 8.98
CA SER B 44 -44.10 20.73 9.90
C SER B 44 -43.69 22.17 10.15
N LEU B 45 -44.69 23.03 10.38
CA LEU B 45 -44.46 24.43 10.72
C LEU B 45 -44.25 24.57 12.22
N ARG B 46 -43.31 25.43 12.61
CA ARG B 46 -43.03 25.71 14.01
C ARG B 46 -42.90 27.21 14.19
N ASP B 47 -43.60 27.76 15.18
CA ASP B 47 -43.54 29.19 15.47
C ASP B 47 -42.73 29.49 16.73
N ASP B 48 -42.05 28.51 17.30
CA ASP B 48 -41.38 28.65 18.59
C ASP B 48 -39.88 28.40 18.51
N LEU B 49 -39.31 28.43 17.31
CA LEU B 49 -37.88 28.22 17.17
C LEU B 49 -37.12 29.47 16.81
N ILE B 50 -37.68 30.32 15.95
CA ILE B 50 -37.11 31.62 15.59
C ILE B 50 -38.13 32.69 15.93
N ALA B 51 -37.67 33.75 16.58
CA ALA B 51 -38.56 34.83 16.95
C ALA B 51 -39.14 35.52 15.71
N ASP B 52 -40.42 35.83 15.76
CA ASP B 52 -41.07 36.63 14.72
C ASP B 52 -41.01 35.93 13.36
N ARG B 53 -41.20 34.62 13.36
CA ARG B 53 -41.08 33.88 12.11
C ARG B 53 -41.44 32.42 12.32
N ASP B 54 -42.21 31.87 11.38
CA ASP B 54 -42.46 30.43 11.29
C ASP B 54 -41.43 29.78 10.38
N VAL B 55 -41.03 28.54 10.72
CA VAL B 55 -40.10 27.78 9.91
C VAL B 55 -40.69 26.40 9.65
N TRP B 56 -40.46 25.89 8.44
CA TRP B 56 -40.71 24.49 8.15
C TRP B 56 -39.53 23.66 8.64
N VAL B 57 -39.84 22.61 9.40
CA VAL B 57 -38.81 21.75 9.96
C VAL B 57 -39.21 20.30 9.73
N GLY B 58 -38.20 19.43 9.70
CA GLY B 58 -38.42 18.00 9.74
C GLY B 58 -38.60 17.56 11.18
N GLN B 59 -39.83 17.61 11.67
CA GLN B 59 -40.14 17.24 13.04
C GLN B 59 -40.53 15.77 13.13
N TYR B 60 -40.00 15.06 14.14
CA TYR B 60 -40.53 13.75 14.50
C TYR B 60 -41.84 13.97 15.21
N THR B 61 -42.95 13.69 14.52
CA THR B 61 -44.28 14.03 15.02
C THR B 61 -44.96 12.85 15.69
N HIS B 62 -44.24 12.18 16.58
CA HIS B 62 -44.72 11.01 17.31
C HIS B 62 -44.16 11.07 18.72
N PRO B 63 -44.82 10.40 19.67
CA PRO B 63 -44.42 10.55 21.07
C PRO B 63 -43.10 9.86 21.35
N LEU B 64 -42.36 10.44 22.27
CA LEU B 64 -41.14 9.78 22.74
C LEU B 64 -41.42 9.05 24.04
N CYS B 65 -40.55 8.09 24.37
CA CYS B 65 -40.65 7.41 25.64
C CYS B 65 -40.70 8.44 26.76
N SER B 66 -41.63 8.25 27.70
CA SER B 66 -41.82 9.24 28.74
C SER B 66 -40.82 9.09 29.87
N SER B 67 -39.85 8.18 29.74
CA SER B 67 -38.93 7.92 30.82
C SER B 67 -37.62 7.39 30.26
N VAL B 68 -36.55 7.73 30.97
CA VAL B 68 -35.23 7.13 30.78
C VAL B 68 -35.04 6.24 32.01
N PRO B 69 -34.30 5.10 31.92
CA PRO B 69 -34.10 4.25 33.12
C PRO B 69 -33.60 5.03 34.33
N ASP B 70 -33.82 4.46 35.52
CA ASP B 70 -33.51 5.17 36.76
C ASP B 70 -32.04 5.59 36.81
N ALA B 71 -31.15 4.65 36.50
CA ALA B 71 -29.72 4.89 36.61
C ALA B 71 -29.20 5.86 35.55
N MET B 72 -30.07 6.38 34.68
CA MET B 72 -29.67 7.32 33.66
C MET B 72 -30.41 8.65 33.79
N ARG B 73 -31.10 8.88 34.91
CA ARG B 73 -31.82 10.13 35.11
C ARG B 73 -30.94 11.35 34.90
N SER B 74 -29.68 11.29 35.31
CA SER B 74 -28.80 12.46 35.25
C SER B 74 -28.59 12.98 33.82
N VAL B 75 -28.78 12.13 32.82
CA VAL B 75 -28.50 12.49 31.43
C VAL B 75 -29.78 12.55 30.60
N ASP B 76 -30.94 12.54 31.24
CA ASP B 76 -32.21 12.57 30.53
C ASP B 76 -32.32 13.84 29.69
N SER B 77 -32.92 13.71 28.51
CA SER B 77 -33.09 14.79 27.55
C SER B 77 -33.99 14.27 26.44
N ARG B 78 -34.60 15.18 25.70
CA ARG B 78 -35.38 14.73 24.56
C ARG B 78 -34.51 13.98 23.54
N ASN B 79 -33.27 14.44 23.37
CA ASN B 79 -32.37 13.76 22.42
C ASN B 79 -32.12 12.31 22.83
N LEU B 80 -31.85 12.08 24.12
CA LEU B 80 -31.66 10.70 24.56
C LEU B 80 -32.94 9.89 24.45
N ARG B 81 -34.08 10.49 24.81
CA ARG B 81 -35.35 9.78 24.67
C ARG B 81 -35.61 9.38 23.22
N PHE B 82 -35.30 10.30 22.30
CA PHE B 82 -35.38 9.99 20.87
C PHE B 82 -34.50 8.79 20.53
N ALA B 83 -33.24 8.83 20.99
CA ALA B 83 -32.31 7.73 20.77
C ALA B 83 -32.88 6.41 21.31
N LEU B 84 -33.40 6.42 22.54
CA LEU B 84 -33.87 5.17 23.13
C LEU B 84 -35.16 4.69 22.48
N THR B 85 -36.01 5.62 22.04
CA THR B 85 -37.18 5.24 21.26
C THR B 85 -36.80 4.49 19.99
N ALA B 86 -35.78 4.98 19.27
CA ALA B 86 -35.32 4.26 18.09
C ALA B 86 -34.70 2.92 18.45
N LEU B 87 -33.83 2.91 19.46
CA LEU B 87 -33.15 1.67 19.81
C LEU B 87 -34.14 0.60 20.24
N SER B 88 -35.22 0.98 20.94
CA SER B 88 -36.11 -0.06 21.42
C SER B 88 -36.90 -0.74 20.31
N LYS B 89 -36.92 -0.18 19.09
CA LYS B 89 -37.53 -0.88 17.96
C LYS B 89 -36.75 -2.13 17.57
N ILE B 90 -35.44 -2.20 17.85
CA ILE B 90 -34.60 -3.33 17.50
C ILE B 90 -33.99 -4.02 18.71
N GLU B 91 -34.26 -3.53 19.92
CA GLU B 91 -33.54 -3.94 21.12
C GLU B 91 -33.72 -5.43 21.40
N THR B 92 -34.96 -5.93 21.30
CA THR B 92 -35.23 -7.33 21.61
C THR B 92 -34.47 -8.27 20.67
N GLU B 93 -34.58 -8.05 19.37
CA GLU B 93 -33.85 -8.88 18.42
C GLU B 93 -32.35 -8.65 18.53
N LEU B 94 -31.93 -7.44 18.91
CA LEU B 94 -30.50 -7.17 19.07
C LEU B 94 -29.91 -7.95 20.24
N LYS B 95 -30.62 -8.01 21.36
CA LYS B 95 -30.11 -8.75 22.52
C LYS B 95 -30.02 -10.25 22.24
N ALA B 96 -30.98 -10.78 21.48
CA ALA B 96 -30.89 -12.17 21.03
C ALA B 96 -29.66 -12.37 20.15
N TYR B 97 -29.34 -11.36 19.33
CA TYR B 97 -28.22 -11.47 18.42
C TYR B 97 -26.88 -11.36 19.14
N THR B 98 -26.76 -10.44 20.09
CA THR B 98 -25.44 -10.20 20.68
C THR B 98 -25.05 -11.25 21.70
N ALA B 99 -25.99 -12.13 22.10
CA ALA B 99 -25.70 -13.18 23.07
C ALA B 99 -24.47 -14.01 22.73
N SER B 100 -24.17 -14.19 21.45
CA SER B 100 -23.11 -15.10 21.05
C SER B 100 -21.75 -14.42 20.91
N PHE B 101 -21.65 -13.14 21.26
CA PHE B 101 -20.39 -12.42 21.27
C PHE B 101 -20.03 -12.00 22.69
N GLU B 102 -18.74 -11.83 22.95
CA GLU B 102 -18.29 -11.34 24.24
C GLU B 102 -18.68 -9.88 24.44
N ASN B 103 -19.08 -9.53 25.67
CA ASN B 103 -19.56 -8.18 25.96
C ASN B 103 -18.52 -7.11 25.62
N LYS B 104 -17.24 -7.39 25.81
CA LYS B 104 -16.20 -6.42 25.48
C LYS B 104 -15.99 -6.26 23.97
N ARG B 105 -16.64 -7.06 23.13
CA ARG B 105 -16.52 -6.93 21.69
C ARG B 105 -17.72 -6.26 21.04
N LEU B 106 -18.61 -5.65 21.84
CA LEU B 106 -19.78 -4.93 21.35
C LEU B 106 -19.51 -3.43 21.52
N ALA B 107 -19.35 -2.73 20.40
CA ALA B 107 -18.86 -1.36 20.38
C ALA B 107 -19.95 -0.41 19.88
N ILE B 108 -19.75 0.89 20.14
CA ILE B 108 -20.73 1.92 19.81
C ILE B 108 -20.01 3.15 19.28
N VAL B 109 -20.31 3.56 18.05
CA VAL B 109 -19.83 4.84 17.54
C VAL B 109 -21.03 5.56 16.96
N VAL B 110 -21.36 6.71 17.51
CA VAL B 110 -22.53 7.46 17.08
C VAL B 110 -22.16 8.92 16.90
N GLY B 111 -22.92 9.61 16.06
CA GLY B 111 -22.71 11.02 15.80
C GLY B 111 -23.85 11.88 16.32
N THR B 112 -23.53 13.11 16.72
CA THR B 112 -24.54 14.08 17.07
C THR B 112 -23.92 15.47 17.00
N SER B 113 -24.71 16.45 16.59
CA SER B 113 -24.29 17.84 16.70
C SER B 113 -25.08 18.62 17.74
N THR B 114 -26.13 18.04 18.32
CA THR B 114 -26.94 18.71 19.33
C THR B 114 -26.80 18.12 20.72
N SER B 115 -26.66 16.79 20.83
CA SER B 115 -26.87 16.10 22.10
C SER B 115 -28.14 16.65 22.75
N GLY B 116 -28.15 16.81 24.06
CA GLY B 116 -29.36 17.29 24.72
C GLY B 116 -29.44 18.79 24.95
N ILE B 117 -28.82 19.59 24.08
CA ILE B 117 -28.79 21.04 24.31
C ILE B 117 -30.19 21.63 24.39
N ALA B 118 -31.17 21.07 23.67
CA ALA B 118 -32.51 21.62 23.69
C ALA B 118 -33.07 21.70 25.11
N ASP B 119 -32.75 20.70 25.95
CA ASP B 119 -33.32 20.67 27.29
C ASP B 119 -32.74 21.73 28.21
N ASN B 120 -31.57 22.29 27.90
CA ASN B 120 -30.98 23.32 28.75
C ASN B 120 -31.33 24.73 28.30
N GLU B 121 -31.86 24.89 27.08
CA GLU B 121 -32.14 26.23 26.57
C GLU B 121 -33.15 26.96 27.44
N LEU B 122 -34.07 26.23 28.06
CA LEU B 122 -35.04 26.87 28.95
C LEU B 122 -34.35 27.43 30.19
N LEU B 123 -33.56 26.59 30.87
CA LEU B 123 -32.87 27.04 32.08
C LEU B 123 -31.89 28.16 31.79
N LEU B 124 -31.18 28.07 30.67
CA LEU B 124 -30.22 29.13 30.32
C LEU B 124 -30.93 30.44 30.06
N LYS B 125 -32.10 30.41 29.42
CA LYS B 125 -32.89 31.63 29.27
C LYS B 125 -33.22 32.23 30.63
N GLN B 126 -33.73 31.40 31.55
CA GLN B 126 -34.07 31.88 32.88
C GLN B 126 -32.84 32.43 33.60
N TYR B 127 -31.69 31.81 33.40
CA TYR B 127 -30.45 32.36 33.97
C TYR B 127 -30.18 33.74 33.43
N PHE B 128 -30.24 33.91 32.10
CA PHE B 128 -29.93 35.20 31.47
C PHE B 128 -30.99 36.25 31.73
N GLN B 129 -32.19 35.88 32.18
CA GLN B 129 -33.24 36.86 32.40
C GLN B 129 -33.31 37.37 33.83
N GLY B 130 -32.76 36.63 34.80
CA GLY B 130 -32.88 37.05 36.18
C GLY B 130 -32.32 36.07 37.18
N GLN B 131 -32.93 34.88 37.28
CA GLN B 131 -32.56 33.93 38.33
C GLN B 131 -31.10 33.48 38.22
N THR B 132 -30.18 34.34 38.66
CA THR B 132 -28.74 34.10 38.55
C THR B 132 -28.21 33.10 39.57
N ASP B 133 -29.09 32.37 40.26
CA ASP B 133 -28.66 31.43 41.30
C ASP B 133 -29.22 30.03 41.05
N LEU B 134 -29.43 29.66 39.80
CA LEU B 134 -29.80 28.30 39.47
C LEU B 134 -28.55 27.52 39.03
N SER B 135 -28.60 26.20 39.22
CA SER B 135 -27.49 25.31 38.86
C SER B 135 -27.97 24.42 37.72
N ILE B 136 -27.48 24.72 36.53
CA ILE B 136 -27.77 23.95 35.33
C ILE B 136 -26.72 22.86 35.18
N SER B 137 -27.17 21.65 34.86
CA SER B 137 -26.24 20.55 34.66
C SER B 137 -25.79 20.51 33.20
N HIS B 138 -24.49 20.25 33.00
CA HIS B 138 -23.90 20.30 31.67
C HIS B 138 -23.82 18.94 30.96
N TYR B 139 -23.68 17.84 31.70
CA TYR B 139 -23.43 16.56 31.03
C TYR B 139 -24.55 16.15 30.05
N PRO B 140 -25.84 16.41 30.28
CA PRO B 140 -26.84 15.96 29.30
C PRO B 140 -26.69 16.62 27.94
N GLN B 141 -25.99 17.75 27.84
CA GLN B 141 -25.78 18.43 26.58
C GLN B 141 -24.39 18.19 25.99
N GLU B 142 -23.53 17.44 26.68
CA GLU B 142 -22.22 17.12 26.10
C GLU B 142 -22.37 16.10 24.98
N MET B 143 -21.50 16.21 23.97
CA MET B 143 -21.61 15.31 22.83
C MET B 143 -21.32 13.86 23.24
N SER B 144 -20.35 13.65 24.15
CA SER B 144 -19.98 12.29 24.54
C SER B 144 -21.11 11.57 25.28
N CYS B 145 -22.06 12.33 25.82
CA CYS B 145 -23.16 11.75 26.59
C CYS B 145 -23.96 10.72 25.77
N LEU B 146 -24.06 10.93 24.46
CA LEU B 146 -24.85 10.05 23.62
C LEU B 146 -24.31 8.62 23.65
N ALA B 147 -23.05 8.42 23.22
CA ALA B 147 -22.48 7.07 23.16
C ALA B 147 -22.44 6.41 24.54
N LYS B 148 -22.11 7.18 25.57
CA LYS B 148 -22.03 6.63 26.93
C LYS B 148 -23.40 6.28 27.49
N ALA B 149 -24.43 7.09 27.20
CA ALA B 149 -25.78 6.73 27.61
C ALA B 149 -26.24 5.45 26.91
N LEU B 150 -26.01 5.36 25.60
CA LEU B 150 -26.39 4.16 24.86
C LEU B 150 -25.66 2.94 25.40
N GLN B 151 -24.37 3.09 25.70
CA GLN B 151 -23.58 1.99 26.25
C GLN B 151 -24.18 1.51 27.57
N GLN B 152 -24.47 2.46 28.46
CA GLN B 152 -25.07 2.11 29.75
C GLN B 152 -26.41 1.42 29.56
N TYR B 153 -27.20 1.88 28.59
CA TYR B 153 -28.51 1.30 28.36
C TYR B 153 -28.42 -0.16 27.92
N LEU B 154 -27.48 -0.46 27.01
CA LEU B 154 -27.33 -1.80 26.46
C LEU B 154 -26.47 -2.70 27.32
N GLY B 155 -25.67 -2.13 28.23
CA GLY B 155 -24.72 -2.93 28.99
C GLY B 155 -23.56 -3.46 28.20
N TRP B 156 -23.21 -2.81 27.10
CA TRP B 156 -22.08 -3.25 26.29
C TRP B 156 -20.78 -2.77 26.93
N GLU B 157 -19.68 -3.43 26.57
CA GLU B 157 -18.40 -3.14 27.20
C GLU B 157 -17.26 -2.91 26.22
N GLY B 158 -17.52 -2.87 24.91
CA GLY B 158 -16.53 -2.44 23.98
C GLY B 158 -16.37 -0.93 24.02
N PRO B 159 -15.51 -0.39 23.18
CA PRO B 159 -15.37 1.06 23.12
C PRO B 159 -16.69 1.71 22.72
N ALA B 160 -16.93 2.90 23.28
CA ALA B 160 -18.10 3.69 22.95
C ALA B 160 -17.70 5.15 22.90
N TYR B 161 -17.88 5.79 21.75
CA TYR B 161 -17.53 7.20 21.68
C TYR B 161 -18.36 7.89 20.61
N THR B 162 -18.30 9.21 20.63
CA THR B 162 -19.19 10.06 19.87
C THR B 162 -18.38 10.88 18.88
N ILE B 163 -18.84 10.93 17.62
CA ILE B 163 -18.28 11.78 16.59
C ILE B 163 -19.12 13.05 16.50
N SER B 164 -18.48 14.21 16.46
CA SER B 164 -19.23 15.47 16.34
C SER B 164 -18.48 16.32 15.30
N THR B 165 -18.91 16.19 14.05
CA THR B 165 -18.33 16.89 12.91
C THR B 165 -19.43 17.52 12.08
N ALA B 166 -20.37 18.18 12.77
CA ALA B 166 -21.48 18.90 12.14
C ALA B 166 -22.20 17.95 11.20
N CYS B 167 -22.46 18.31 9.94
CA CYS B 167 -23.37 17.56 9.07
C CYS B 167 -22.87 16.17 8.68
N SER B 168 -21.59 15.87 8.87
CA SER B 168 -21.05 14.57 8.47
C SER B 168 -20.98 13.59 9.64
N SER B 169 -21.43 13.99 10.84
CA SER B 169 -21.17 13.24 12.06
C SER B 169 -21.57 11.77 11.94
N SER B 170 -22.84 11.51 11.58
CA SER B 170 -23.30 10.13 11.66
C SER B 170 -22.83 9.30 10.48
N ALA B 171 -22.61 9.90 9.31
CA ALA B 171 -22.00 9.16 8.21
C ALA B 171 -20.59 8.72 8.57
N LYS B 172 -19.82 9.59 9.22
CA LYS B 172 -18.49 9.23 9.68
C LYS B 172 -18.57 8.14 10.75
N ALA B 173 -19.66 8.10 11.52
CA ALA B 173 -19.83 7.05 12.52
C ALA B 173 -19.99 5.68 11.85
N LEU B 174 -20.77 5.60 10.77
CA LEU B 174 -20.86 4.36 10.01
C LEU B 174 -19.47 3.92 9.52
N ALA B 175 -18.71 4.85 8.95
CA ALA B 175 -17.38 4.51 8.47
C ALA B 175 -16.46 4.09 9.61
N ALA B 176 -16.60 4.73 10.79
CA ALA B 176 -15.80 4.34 11.95
C ALA B 176 -16.12 2.92 12.40
N GLY B 177 -17.41 2.54 12.39
CA GLY B 177 -17.77 1.20 12.82
C GLY B 177 -17.26 0.14 11.86
N GLN B 178 -17.30 0.43 10.56
CA GLN B 178 -16.69 -0.45 9.56
C GLN B 178 -15.22 -0.69 9.85
N ARG B 179 -14.48 0.36 10.20
CA ARG B 179 -13.06 0.21 10.55
C ARG B 179 -12.87 -0.61 11.82
N LEU B 180 -13.68 -0.36 12.85
CA LEU B 180 -13.54 -1.10 14.10
C LEU B 180 -13.66 -2.60 13.85
N LEU B 181 -14.55 -2.98 12.93
CA LEU B 181 -14.76 -4.39 12.63
C LEU B 181 -13.55 -4.99 11.91
N HIS B 182 -13.03 -4.28 10.92
CA HIS B 182 -11.92 -4.81 10.15
C HIS B 182 -10.55 -4.51 10.78
N ALA B 183 -10.52 -3.83 11.93
CA ALA B 183 -9.34 -3.75 12.76
C ALA B 183 -9.36 -4.76 13.90
N ASP B 184 -10.37 -5.63 13.93
CA ASP B 184 -10.50 -6.70 14.91
C ASP B 184 -10.69 -6.18 16.32
N LEU B 185 -11.24 -4.97 16.45
CA LEU B 185 -11.51 -4.38 17.76
C LEU B 185 -12.90 -4.73 18.28
N ALA B 186 -13.82 -5.11 17.40
CA ALA B 186 -15.19 -5.42 17.81
C ALA B 186 -15.74 -6.45 16.85
N ASP B 187 -16.74 -7.20 17.32
CA ASP B 187 -17.46 -8.11 16.44
C ASP B 187 -18.83 -7.56 16.06
N VAL B 188 -19.34 -6.59 16.81
CA VAL B 188 -20.60 -5.89 16.53
C VAL B 188 -20.41 -4.43 16.89
N VAL B 189 -20.88 -3.52 16.04
CA VAL B 189 -20.83 -2.08 16.30
C VAL B 189 -22.21 -1.50 16.05
N LEU B 190 -22.75 -0.81 17.06
CA LEU B 190 -23.91 0.04 16.87
C LEU B 190 -23.45 1.39 16.37
N VAL B 191 -23.93 1.82 15.19
CA VAL B 191 -23.54 3.11 14.63
C VAL B 191 -24.78 3.89 14.23
N GLY B 192 -24.58 5.18 13.99
CA GLY B 192 -25.64 6.06 13.53
C GLY B 192 -25.58 7.42 14.21
N GLY B 193 -26.73 8.06 14.39
CA GLY B 193 -26.74 9.38 14.99
C GLY B 193 -28.13 9.80 15.39
N VAL B 194 -28.17 10.81 16.26
CA VAL B 194 -29.43 11.39 16.69
C VAL B 194 -29.19 12.88 16.92
N ASP B 195 -29.99 13.70 16.27
CA ASP B 195 -30.06 15.13 16.52
C ASP B 195 -31.51 15.50 16.80
N THR B 196 -31.72 16.52 17.62
CA THR B 196 -33.06 17.05 17.86
C THR B 196 -33.10 18.54 17.57
N LEU B 197 -34.29 19.00 17.19
CA LEU B 197 -34.51 20.42 16.91
C LEU B 197 -34.26 21.26 18.16
N CYS B 198 -33.65 22.42 17.96
CA CYS B 198 -33.37 23.32 19.08
C CYS B 198 -33.18 24.73 18.56
N LYS B 199 -33.27 25.71 19.47
CA LYS B 199 -33.14 27.11 19.05
C LYS B 199 -31.72 27.41 18.57
N LEU B 200 -30.73 26.74 19.14
CA LEU B 200 -29.34 27.03 18.78
C LEU B 200 -29.08 26.77 17.29
N THR B 201 -29.50 25.60 16.79
CA THR B 201 -29.23 25.29 15.39
C THR B 201 -30.09 26.14 14.46
N LEU B 202 -31.37 26.32 14.79
CA LEU B 202 -32.25 27.05 13.88
C LEU B 202 -31.78 28.49 13.74
N ASN B 203 -31.33 29.09 14.84
CA ASN B 203 -30.93 30.49 14.80
C ASN B 203 -29.49 30.66 14.34
N GLY B 204 -28.64 29.69 14.68
CA GLY B 204 -27.30 29.65 14.12
C GLY B 204 -27.32 29.62 12.60
N PHE B 205 -28.13 28.72 12.03
CA PHE B 205 -28.13 28.63 10.58
C PHE B 205 -28.88 29.81 9.95
N ASN B 206 -29.85 30.39 10.67
CA ASN B 206 -30.51 31.59 10.20
C ASN B 206 -29.53 32.76 10.08
N SER B 207 -28.61 32.88 11.04
CA SER B 207 -27.63 33.96 11.01
C SER B 207 -26.67 33.83 9.83
N LEU B 208 -26.47 32.61 9.34
CA LEU B 208 -25.69 32.39 8.14
C LEU B 208 -26.52 32.56 6.87
N GLU B 209 -27.79 32.91 7.02
CA GLU B 209 -28.74 33.01 5.90
C GLU B 209 -28.83 31.70 5.14
N SER B 210 -28.79 30.57 5.86
CA SER B 210 -28.80 29.24 5.27
C SER B 210 -30.18 28.62 5.22
N LEU B 211 -31.18 29.25 5.83
CA LEU B 211 -32.53 28.70 5.93
C LEU B 211 -33.40 29.21 4.78
N SER B 212 -34.22 28.31 4.25
CA SER B 212 -35.21 28.69 3.25
C SER B 212 -36.32 29.50 3.90
N ALA B 213 -36.98 30.34 3.08
CA ALA B 213 -38.15 31.07 3.53
C ALA B 213 -39.39 30.20 3.56
N HIS B 214 -39.38 29.07 2.87
CA HIS B 214 -40.50 28.14 2.91
C HIS B 214 -39.96 26.72 2.96
N ILE B 215 -40.36 25.87 2.02
CA ILE B 215 -39.88 24.50 1.93
C ILE B 215 -38.73 24.47 0.93
N CYS B 216 -37.64 23.77 1.30
CA CYS B 216 -36.43 23.79 0.50
C CYS B 216 -36.65 23.14 -0.86
N GLN B 217 -35.83 23.53 -1.84
CA GLN B 217 -35.96 23.08 -3.22
C GLN B 217 -34.60 22.62 -3.71
N PRO B 218 -34.16 21.42 -3.30
CA PRO B 218 -32.81 20.98 -3.66
C PRO B 218 -32.59 21.03 -5.17
N CYS B 219 -31.46 21.63 -5.55
CA CYS B 219 -31.04 21.84 -6.93
C CYS B 219 -32.01 22.72 -7.72
N GLY B 220 -32.91 23.42 -7.04
CA GLY B 220 -33.90 24.22 -7.72
C GLY B 220 -33.32 25.49 -8.32
N ILE B 221 -33.99 26.01 -9.35
CA ILE B 221 -33.50 27.20 -10.04
C ILE B 221 -33.49 28.40 -9.10
N SER B 222 -34.46 28.50 -8.20
CA SER B 222 -34.52 29.60 -7.24
C SER B 222 -34.35 29.13 -5.80
N ARG B 223 -33.57 28.07 -5.59
CA ARG B 223 -33.37 27.53 -4.24
C ARG B 223 -32.82 28.61 -3.32
N ASP B 224 -33.21 28.55 -2.04
CA ASP B 224 -32.88 29.62 -1.10
C ASP B 224 -32.52 29.08 0.28
N GLY B 225 -32.06 27.85 0.40
CA GLY B 225 -31.54 27.37 1.67
C GLY B 225 -32.25 26.12 2.14
N ILE B 226 -32.03 25.81 3.41
CA ILE B 226 -32.34 24.49 3.94
C ILE B 226 -33.55 24.56 4.85
N ASN B 227 -34.11 23.39 5.14
CA ASN B 227 -34.94 23.20 6.33
C ASN B 227 -34.22 22.23 7.25
N ILE B 228 -34.22 22.53 8.54
CA ILE B 228 -33.58 21.66 9.51
C ILE B 228 -34.57 20.59 9.94
N GLY B 229 -34.06 19.38 10.18
CA GLY B 229 -34.86 18.27 10.63
C GLY B 229 -34.18 17.57 11.79
N GLU B 230 -34.94 16.69 12.44
CA GLU B 230 -34.39 15.84 13.48
C GLU B 230 -34.58 14.38 13.07
N ALA B 231 -33.64 13.54 13.46
CA ALA B 231 -33.70 12.12 13.16
C ALA B 231 -32.92 11.32 14.20
N ALA B 232 -33.34 10.06 14.35
CA ALA B 232 -32.62 9.09 15.17
C ALA B 232 -32.52 7.83 14.32
N ALA B 233 -31.31 7.48 13.90
CA ALA B 233 -31.14 6.33 13.02
C ALA B 233 -29.94 5.52 13.46
N PHE B 234 -30.11 4.20 13.57
CA PHE B 234 -29.05 3.31 14.01
C PHE B 234 -28.93 2.11 13.08
N PHE B 235 -27.71 1.59 13.01
CA PHE B 235 -27.40 0.35 12.32
C PHE B 235 -26.57 -0.53 13.22
N VAL B 236 -26.81 -1.83 13.15
CA VAL B 236 -25.99 -2.81 13.83
C VAL B 236 -25.12 -3.46 12.75
N LEU B 237 -23.82 -3.22 12.79
CA LEU B 237 -22.89 -3.75 11.81
C LEU B 237 -22.09 -4.93 12.39
N SER B 238 -21.82 -5.92 11.54
CA SER B 238 -20.90 -7.00 11.85
C SER B 238 -20.17 -7.39 10.58
N LYS B 239 -19.13 -8.21 10.72
CA LYS B 239 -18.40 -8.72 9.56
C LYS B 239 -19.22 -9.74 8.76
N GLU B 240 -20.33 -10.23 9.31
CA GLU B 240 -21.09 -11.26 8.64
C GLU B 240 -21.97 -10.67 7.53
N GLN B 241 -22.37 -11.55 6.63
CA GLN B 241 -23.21 -11.16 5.52
C GLN B 241 -24.57 -10.66 6.01
N ALA B 242 -25.21 -9.82 5.20
CA ALA B 242 -26.52 -9.28 5.51
C ALA B 242 -27.18 -8.91 4.20
N PRO B 243 -28.49 -8.69 4.18
CA PRO B 243 -29.14 -8.33 2.91
C PRO B 243 -28.53 -7.10 2.26
N VAL B 244 -28.10 -6.12 3.06
CA VAL B 244 -27.41 -4.95 2.55
C VAL B 244 -26.10 -4.80 3.32
N MET B 245 -25.05 -4.46 2.60
CA MET B 245 -23.75 -4.29 3.22
C MET B 245 -23.24 -2.87 3.02
N LEU B 246 -22.53 -2.36 4.03
CA LEU B 246 -21.76 -1.15 3.86
C LEU B 246 -20.41 -1.56 3.27
N MET B 247 -20.14 -1.08 2.06
CA MET B 247 -19.02 -1.56 1.28
C MET B 247 -17.85 -0.60 1.21
N GLY B 248 -18.10 0.70 1.21
CA GLY B 248 -17.01 1.63 1.08
C GLY B 248 -17.35 2.97 1.69
N ALA B 249 -16.31 3.66 2.14
CA ALA B 249 -16.42 5.01 2.64
C ALA B 249 -15.25 5.83 2.10
N GLY B 250 -15.52 7.09 1.78
CA GLY B 250 -14.47 8.00 1.34
C GLY B 250 -14.54 9.30 2.10
N GLU B 251 -13.43 9.73 2.69
CA GLU B 251 -13.42 10.91 3.54
C GLU B 251 -12.33 11.86 3.07
N THR B 252 -12.67 13.15 2.95
CA THR B 252 -11.72 14.17 2.55
C THR B 252 -12.03 15.46 3.31
N MET B 253 -11.09 16.40 3.23
CA MET B 253 -11.26 17.75 3.76
C MET B 253 -11.04 18.75 2.63
N ASP B 254 -11.91 19.77 2.53
CA ASP B 254 -11.76 20.79 1.48
C ASP B 254 -10.56 21.69 1.75
N ALA B 255 -10.32 22.02 3.02
CA ALA B 255 -9.29 22.99 3.42
C ALA B 255 -9.46 24.30 2.65
N TRP B 256 -10.72 24.75 2.53
CA TRP B 256 -11.06 25.90 1.70
C TRP B 256 -11.65 27.04 2.52
N HIS B 257 -12.77 26.83 3.21
CA HIS B 257 -13.47 27.86 3.94
C HIS B 257 -14.17 27.23 5.13
N ILE B 258 -14.34 28.00 6.20
CA ILE B 258 -14.93 27.46 7.42
C ILE B 258 -16.43 27.18 7.29
N SER B 259 -17.12 27.79 6.31
CA SER B 259 -18.55 27.54 6.16
C SER B 259 -19.05 27.58 4.72
N ALA B 260 -18.17 27.59 3.72
CA ALA B 260 -18.58 27.50 2.32
C ALA B 260 -17.79 26.42 1.62
N PRO B 261 -18.44 25.61 0.77
CA PRO B 261 -17.73 24.48 0.15
C PRO B 261 -16.80 24.94 -0.97
N HIS B 262 -15.79 24.12 -1.21
CA HIS B 262 -14.91 24.34 -2.34
C HIS B 262 -15.76 24.49 -3.60
N PRO B 263 -15.62 25.59 -4.34
CA PRO B 263 -16.58 25.87 -5.43
C PRO B 263 -16.43 24.95 -6.64
N GLU B 264 -15.32 24.25 -6.79
CA GLU B 264 -15.19 23.23 -7.83
C GLU B 264 -15.55 21.83 -7.35
N GLY B 265 -15.91 21.68 -6.07
CA GLY B 265 -16.25 20.37 -5.54
C GLY B 265 -15.09 19.40 -5.47
N LYS B 266 -13.85 19.89 -5.37
CA LYS B 266 -12.72 18.98 -5.40
C LYS B 266 -12.76 18.00 -4.23
N GLY B 267 -13.11 18.49 -3.05
CA GLY B 267 -13.21 17.60 -1.90
C GLY B 267 -14.31 16.56 -2.03
N ALA B 268 -15.50 17.01 -2.50
CA ALA B 268 -16.64 16.10 -2.66
C ALA B 268 -16.37 15.04 -3.73
N ALA B 269 -15.80 15.45 -4.87
CA ALA B 269 -15.49 14.48 -5.92
C ALA B 269 -14.50 13.42 -5.43
N LEU B 270 -13.49 13.84 -4.66
CA LEU B 270 -12.52 12.88 -4.18
C LEU B 270 -13.14 11.92 -3.17
N ALA B 271 -14.00 12.44 -2.29
CA ALA B 271 -14.68 11.55 -1.34
C ALA B 271 -15.48 10.48 -2.06
N MET B 272 -16.21 10.87 -3.10
CA MET B 272 -17.00 9.91 -3.86
C MET B 272 -16.11 8.88 -4.54
N GLN B 273 -14.99 9.32 -5.11
CA GLN B 273 -14.10 8.38 -5.79
C GLN B 273 -13.46 7.42 -4.79
N ARG B 274 -13.08 7.91 -3.62
CA ARG B 274 -12.49 7.03 -2.62
C ARG B 274 -13.49 5.99 -2.13
N ALA B 275 -14.76 6.38 -2.02
CA ALA B 275 -15.78 5.41 -1.64
C ALA B 275 -15.89 4.30 -2.68
N LEU B 276 -15.92 4.67 -3.95
CA LEU B 276 -15.96 3.67 -5.02
C LEU B 276 -14.75 2.76 -4.94
N ASP B 277 -13.56 3.34 -4.79
CA ASP B 277 -12.34 2.55 -4.71
C ASP B 277 -12.40 1.54 -3.56
N MET B 278 -12.80 1.99 -2.36
CA MET B 278 -12.84 1.07 -1.23
C MET B 278 -13.86 -0.05 -1.46
N ALA B 279 -14.99 0.28 -2.08
CA ALA B 279 -15.99 -0.73 -2.43
C ALA B 279 -15.57 -1.63 -3.59
N HIS B 280 -14.48 -1.30 -4.30
CA HIS B 280 -14.02 -2.08 -5.47
C HIS B 280 -15.03 -2.05 -6.61
N ILE B 281 -15.68 -0.90 -6.82
CA ILE B 281 -16.63 -0.74 -7.91
C ILE B 281 -16.31 0.52 -8.69
N SER B 282 -16.78 0.55 -9.94
CA SER B 282 -16.66 1.73 -10.78
C SER B 282 -17.94 2.55 -10.72
N ALA B 283 -17.83 3.83 -11.08
CA ALA B 283 -18.96 4.74 -11.04
C ALA B 283 -20.15 4.21 -11.85
N GLN B 284 -19.87 3.50 -12.94
CA GLN B 284 -20.94 2.92 -13.77
C GLN B 284 -21.80 1.93 -13.01
N GLU B 285 -21.26 1.28 -11.98
CA GLU B 285 -22.01 0.24 -11.29
C GLU B 285 -22.99 0.78 -10.26
N VAL B 286 -22.97 2.09 -9.98
CA VAL B 286 -23.86 2.70 -9.00
C VAL B 286 -25.22 2.96 -9.66
N GLY B 287 -26.28 2.50 -9.02
CA GLY B 287 -27.62 2.65 -9.55
C GLY B 287 -28.40 3.82 -8.99
N TYR B 288 -27.94 4.42 -7.88
CA TYR B 288 -28.64 5.56 -7.29
C TYR B 288 -27.68 6.30 -6.35
N ILE B 289 -27.73 7.64 -6.39
CA ILE B 289 -27.02 8.49 -5.44
C ILE B 289 -28.03 9.29 -4.65
N ASN B 290 -27.96 9.18 -3.32
CA ASN B 290 -28.69 10.08 -2.44
C ASN B 290 -27.80 11.29 -2.17
N LEU B 291 -28.12 12.40 -2.82
CA LEU B 291 -27.30 13.61 -2.70
C LEU B 291 -27.28 14.12 -1.28
N HIS B 292 -26.22 14.88 -0.95
CA HIS B 292 -26.33 15.74 0.22
C HIS B 292 -27.46 16.75 0.00
N GLY B 293 -27.38 17.52 -1.10
CA GLY B 293 -28.53 18.20 -1.65
C GLY B 293 -29.35 19.01 -0.67
N THR B 294 -28.69 19.95 0.00
CA THR B 294 -29.29 20.73 1.07
C THR B 294 -30.19 21.86 0.58
N ALA B 295 -29.97 22.35 -0.65
CA ALA B 295 -30.75 23.38 -1.32
C ALA B 295 -30.21 24.79 -1.03
N THR B 296 -29.03 24.89 -0.46
CA THR B 296 -28.32 26.16 -0.54
C THR B 296 -27.78 26.35 -1.96
N PRO B 297 -27.61 27.60 -2.40
CA PRO B 297 -26.96 27.81 -3.70
C PRO B 297 -25.59 27.13 -3.78
N GLN B 298 -24.74 27.35 -2.79
CA GLN B 298 -23.36 26.87 -2.85
C GLN B 298 -23.27 25.35 -2.85
N ASN B 299 -24.03 24.67 -1.99
CA ASN B 299 -23.82 23.23 -1.89
C ASN B 299 -24.23 22.53 -3.18
N ASP B 300 -25.43 22.78 -3.67
CA ASP B 300 -25.91 22.02 -4.81
C ASP B 300 -25.09 22.31 -6.06
N ALA B 301 -24.59 23.54 -6.23
CA ALA B 301 -23.75 23.85 -7.40
C ALA B 301 -22.46 23.07 -7.35
N MET B 302 -21.83 23.06 -6.18
CA MET B 302 -20.59 22.33 -5.94
C MET B 302 -20.80 20.83 -6.09
N GLU B 303 -21.87 20.30 -5.50
CA GLU B 303 -22.08 18.86 -5.49
C GLU B 303 -22.32 18.31 -6.89
N ILE B 304 -23.18 18.97 -7.67
CA ILE B 304 -23.48 18.45 -9.00
C ILE B 304 -22.24 18.55 -9.90
N LYS B 305 -21.40 19.55 -9.69
CA LYS B 305 -20.10 19.57 -10.36
C LYS B 305 -19.30 18.32 -10.03
N ALA B 306 -19.22 17.98 -8.74
CA ALA B 306 -18.48 16.79 -8.33
C ALA B 306 -19.12 15.53 -8.90
N VAL B 307 -20.45 15.44 -8.87
CA VAL B 307 -21.12 14.27 -9.43
C VAL B 307 -20.80 14.12 -10.92
N ARG B 308 -20.84 15.24 -11.65
CA ARG B 308 -20.51 15.20 -13.08
C ARG B 308 -19.06 14.78 -13.29
N GLN B 309 -18.15 15.22 -12.43
CA GLN B 309 -16.76 14.81 -12.55
C GLN B 309 -16.58 13.30 -12.39
N VAL B 310 -17.30 12.69 -11.45
CA VAL B 310 -17.10 11.28 -11.13
C VAL B 310 -18.01 10.38 -11.97
N PHE B 311 -19.24 10.82 -12.25
CA PHE B 311 -20.25 9.95 -12.85
C PHE B 311 -20.62 10.37 -14.26
N GLY B 312 -20.21 11.55 -14.70
CA GLY B 312 -20.57 12.00 -16.03
C GLY B 312 -21.93 12.68 -16.10
N VAL B 313 -22.58 12.52 -17.24
CA VAL B 313 -23.80 13.26 -17.57
C VAL B 313 -24.90 12.25 -17.89
N TYR B 314 -26.06 12.43 -17.24
CA TYR B 314 -27.23 11.56 -17.44
C TYR B 314 -26.93 10.07 -17.20
N GLN B 315 -26.05 9.74 -16.26
CA GLN B 315 -25.64 8.34 -16.12
C GLN B 315 -26.26 7.63 -14.92
N VAL B 316 -26.70 8.35 -13.89
CA VAL B 316 -27.08 7.70 -12.64
C VAL B 316 -28.29 8.41 -12.04
N ALA B 317 -29.27 7.63 -11.59
CA ALA B 317 -30.43 8.21 -10.92
C ALA B 317 -29.98 8.85 -9.62
N LEU B 318 -30.55 10.00 -9.31
CA LEU B 318 -30.18 10.65 -8.05
C LEU B 318 -31.32 11.52 -7.55
N SER B 319 -31.30 11.74 -6.24
CA SER B 319 -32.26 12.66 -5.65
C SER B 319 -31.72 13.11 -4.30
N SER B 320 -32.16 14.28 -3.88
CA SER B 320 -32.07 14.68 -2.48
C SER B 320 -33.37 14.31 -1.78
N THR B 321 -33.28 13.84 -0.54
CA THR B 321 -34.47 13.63 0.27
C THR B 321 -34.58 14.66 1.40
N LYS B 322 -33.80 15.74 1.35
CA LYS B 322 -33.87 16.70 2.45
C LYS B 322 -35.15 17.54 2.42
N HIS B 323 -35.91 17.51 1.32
CA HIS B 323 -37.23 18.13 1.38
C HIS B 323 -38.22 17.27 2.17
N LYS B 324 -37.89 16.02 2.47
CA LYS B 324 -38.76 15.13 3.22
C LYS B 324 -38.34 14.97 4.67
N THR B 325 -37.05 14.81 4.92
CA THR B 325 -36.55 14.67 6.28
C THR B 325 -36.11 15.98 6.89
N GLY B 326 -35.89 16.99 6.06
CA GLY B 326 -35.12 18.17 6.42
C GLY B 326 -33.65 17.83 6.47
N HIS B 327 -32.80 18.85 6.64
CA HIS B 327 -31.38 18.63 6.84
C HIS B 327 -31.21 18.25 8.31
N CYS B 328 -30.99 16.97 8.59
CA CYS B 328 -30.94 16.53 9.98
C CYS B 328 -29.57 16.70 10.61
N LEU B 329 -28.66 17.43 9.95
CA LEU B 329 -27.42 17.90 10.55
C LEU B 329 -26.61 16.69 11.01
N GLY B 330 -26.30 16.54 12.30
CA GLY B 330 -25.47 15.41 12.73
C GLY B 330 -26.06 14.06 12.37
N ALA B 331 -27.38 13.97 12.25
CA ALA B 331 -28.05 12.72 11.94
C ALA B 331 -28.32 12.54 10.45
N ALA B 332 -27.95 13.51 9.60
CA ALA B 332 -28.29 13.45 8.18
C ALA B 332 -27.77 12.16 7.55
N GLY B 333 -26.51 11.83 7.78
CA GLY B 333 -25.91 10.70 7.11
C GLY B 333 -26.55 9.38 7.51
N ALA B 334 -26.95 9.25 8.78
CA ALA B 334 -27.54 8.00 9.24
C ALA B 334 -28.94 7.80 8.68
N ILE B 335 -29.79 8.85 8.73
CA ILE B 335 -31.14 8.67 8.20
C ILE B 335 -31.09 8.44 6.70
N GLU B 336 -30.14 9.08 6.00
CA GLU B 336 -30.01 8.87 4.57
C GLU B 336 -29.46 7.48 4.24
N ALA B 337 -28.53 6.97 5.07
CA ALA B 337 -28.12 5.58 4.90
C ALA B 337 -29.29 4.62 5.08
N PHE B 338 -30.20 4.93 6.01
CA PHE B 338 -31.35 4.07 6.24
C PHE B 338 -32.24 4.01 5.01
N ILE B 339 -32.47 5.16 4.38
CA ILE B 339 -33.19 5.22 3.11
C ILE B 339 -32.48 4.36 2.07
N CYS B 340 -31.16 4.51 1.96
CA CYS B 340 -30.40 3.75 0.96
C CYS B 340 -30.51 2.25 1.20
N GLU B 341 -30.52 1.82 2.47
CA GLU B 341 -30.69 0.39 2.76
C GLU B 341 -32.04 -0.11 2.26
N GLN B 342 -33.12 0.64 2.55
CA GLN B 342 -34.46 0.20 2.18
C GLN B 342 -34.60 0.13 0.66
N VAL B 343 -33.99 1.08 -0.05
CA VAL B 343 -34.01 1.03 -1.51
C VAL B 343 -33.40 -0.28 -1.99
N LEU B 344 -32.24 -0.65 -1.45
CA LEU B 344 -31.57 -1.88 -1.87
C LEU B 344 -32.32 -3.12 -1.44
N LYS B 345 -32.96 -3.09 -0.27
CA LYS B 345 -33.70 -4.27 0.16
C LYS B 345 -34.92 -4.52 -0.73
N ASP B 346 -35.61 -3.46 -1.15
CA ASP B 346 -36.92 -3.60 -1.80
C ASP B 346 -36.86 -3.82 -3.30
N GLN B 347 -35.85 -3.27 -3.99
CA GLN B 347 -35.68 -3.41 -5.44
C GLN B 347 -36.98 -3.06 -6.17
N SER B 348 -37.50 -1.87 -5.88
CA SER B 348 -38.87 -1.56 -6.24
C SER B 348 -39.07 -0.07 -6.52
N TRP B 349 -38.40 0.77 -5.75
CA TRP B 349 -38.66 2.20 -5.78
C TRP B 349 -37.37 2.96 -5.55
N LEU B 350 -37.37 4.21 -5.98
CA LEU B 350 -36.36 5.19 -5.61
C LEU B 350 -37.04 6.39 -4.97
N PRO B 351 -36.34 7.11 -4.09
CA PRO B 351 -36.95 8.27 -3.42
C PRO B 351 -37.08 9.44 -4.40
N LEU B 352 -38.28 10.02 -4.44
CA LEU B 352 -38.58 11.15 -5.31
C LEU B 352 -37.71 12.36 -4.99
N HIS B 353 -37.16 12.99 -6.02
CA HIS B 353 -36.64 14.34 -5.85
C HIS B 353 -37.80 15.33 -5.76
N GLN B 354 -37.54 16.46 -5.09
CA GLN B 354 -38.52 17.56 -5.06
C GLN B 354 -38.95 17.90 -6.48
N ASN B 355 -40.25 18.11 -6.66
CA ASN B 355 -40.78 18.45 -7.99
C ASN B 355 -40.59 19.96 -8.15
N VAL B 356 -39.47 20.34 -8.75
CA VAL B 356 -39.11 21.75 -8.89
C VAL B 356 -38.45 21.91 -10.25
N GLU B 357 -38.34 23.16 -10.71
CA GLU B 357 -37.57 23.44 -11.92
C GLU B 357 -36.10 23.44 -11.57
N ILE B 358 -35.35 22.50 -12.16
CA ILE B 358 -33.94 22.35 -11.84
C ILE B 358 -33.17 23.52 -12.43
N ASP B 359 -32.24 24.04 -11.64
CA ASP B 359 -31.22 24.99 -12.10
C ASP B 359 -30.63 24.51 -13.43
N PRO B 360 -30.61 25.37 -14.45
CA PRO B 360 -30.04 24.96 -15.76
C PRO B 360 -28.61 24.45 -15.67
N ASP B 361 -27.83 24.97 -14.72
CA ASP B 361 -26.46 24.51 -14.50
C ASP B 361 -26.40 23.06 -14.02
N LEU B 362 -27.50 22.55 -13.45
CA LEU B 362 -27.50 21.26 -12.76
C LEU B 362 -28.42 20.25 -13.42
N VAL B 363 -29.02 20.61 -14.56
CA VAL B 363 -30.11 19.82 -15.13
C VAL B 363 -29.65 18.58 -15.86
N ASP B 364 -28.35 18.44 -16.14
CA ASP B 364 -27.86 17.31 -16.94
C ASP B 364 -27.69 16.02 -16.15
N GLN B 365 -28.63 15.71 -15.25
CA GLN B 365 -28.58 14.50 -14.45
C GLN B 365 -29.98 13.90 -14.40
N ASN B 366 -30.05 12.62 -14.03
CA ASN B 366 -31.33 11.89 -14.02
C ASN B 366 -31.97 11.96 -12.65
N TYR B 367 -32.55 13.12 -12.35
CA TYR B 367 -33.25 13.28 -11.08
C TYR B 367 -34.45 12.35 -11.03
N VAL B 368 -34.68 11.76 -9.86
CA VAL B 368 -35.78 10.81 -9.69
C VAL B 368 -37.09 11.59 -9.72
N GLN B 369 -37.84 11.45 -10.81
CA GLN B 369 -39.13 12.12 -10.94
C GLN B 369 -40.29 11.19 -10.72
N GLU B 370 -40.09 9.89 -10.81
CA GLU B 370 -41.15 8.96 -10.51
C GLU B 370 -40.55 7.74 -9.83
N ALA B 371 -41.29 7.18 -8.88
CA ALA B 371 -40.66 6.30 -7.89
C ALA B 371 -40.33 4.92 -8.43
N GLU B 372 -41.03 4.45 -9.49
CA GLU B 372 -40.84 3.07 -9.94
C GLU B 372 -39.40 2.83 -10.37
N LEU B 373 -38.78 1.81 -9.79
CA LEU B 373 -37.49 1.31 -10.24
C LEU B 373 -37.75 0.24 -11.30
N THR B 374 -37.15 0.41 -12.48
CA THR B 374 -37.46 -0.45 -13.62
C THR B 374 -36.46 -1.57 -13.86
N GLN B 375 -35.26 -1.49 -13.28
CA GLN B 375 -34.19 -2.48 -13.39
C GLN B 375 -33.56 -2.63 -12.02
N PRO B 376 -33.18 -3.85 -11.61
CA PRO B 376 -32.56 -4.02 -10.30
C PRO B 376 -31.26 -3.23 -10.21
N ILE B 377 -30.91 -2.84 -8.99
CA ILE B 377 -29.63 -2.16 -8.78
C ILE B 377 -28.89 -2.84 -7.66
N ARG B 378 -27.55 -2.79 -7.74
CA ARG B 378 -26.68 -3.46 -6.79
C ARG B 378 -25.97 -2.52 -5.84
N TYR B 379 -25.79 -1.24 -6.21
CA TYR B 379 -25.00 -0.34 -5.38
C TYR B 379 -25.64 1.03 -5.35
N VAL B 380 -25.55 1.67 -4.19
CA VAL B 380 -26.13 2.98 -3.93
C VAL B 380 -25.08 3.80 -3.17
N MET B 381 -25.09 5.11 -3.37
CA MET B 381 -24.13 6.00 -2.75
C MET B 381 -24.86 7.10 -2.03
N SER B 382 -24.32 7.54 -0.91
CA SER B 382 -24.90 8.66 -0.16
C SER B 382 -23.80 9.60 0.29
N ASN B 383 -24.02 10.90 0.09
CA ASN B 383 -23.05 11.96 0.32
C ASN B 383 -23.43 12.80 1.54
N SER B 384 -22.43 13.23 2.30
CA SER B 384 -22.63 14.21 3.37
C SER B 384 -21.45 15.19 3.32
N PHE B 385 -21.74 16.47 3.12
CA PHE B 385 -20.70 17.48 3.02
C PHE B 385 -20.98 18.55 4.08
N ALA B 386 -20.06 18.71 5.03
CA ALA B 386 -20.32 19.45 6.26
C ALA B 386 -19.43 20.67 6.39
N PHE B 387 -19.65 21.40 7.49
CA PHE B 387 -18.82 22.54 7.88
C PHE B 387 -17.38 22.12 8.13
N GLY B 388 -16.49 23.09 8.02
CA GLY B 388 -15.08 22.78 8.08
C GLY B 388 -14.59 21.96 6.92
N GLY B 389 -15.34 21.93 5.82
CA GLY B 389 -14.96 21.14 4.66
C GLY B 389 -14.86 19.65 4.89
N SER B 390 -15.57 19.12 5.90
CA SER B 390 -15.56 17.68 6.16
C SER B 390 -16.51 16.99 5.18
N ASN B 391 -15.97 16.12 4.31
CA ASN B 391 -16.75 15.38 3.32
C ASN B 391 -16.68 13.89 3.57
N ILE B 392 -17.79 13.20 3.31
CA ILE B 392 -17.79 11.74 3.32
C ILE B 392 -18.84 11.25 2.33
N SER B 393 -18.52 10.15 1.66
CA SER B 393 -19.45 9.47 0.78
C SER B 393 -19.44 8.00 1.18
N LEU B 394 -20.62 7.38 1.26
CA LEU B 394 -20.76 5.98 1.62
C LEU B 394 -21.32 5.19 0.44
N VAL B 395 -20.84 3.97 0.26
CA VAL B 395 -21.33 3.08 -0.80
C VAL B 395 -21.93 1.85 -0.15
N PHE B 396 -23.18 1.53 -0.51
CA PHE B 396 -23.87 0.35 -0.02
C PHE B 396 -24.14 -0.59 -1.18
N GLY B 397 -24.18 -1.90 -0.90
CA GLY B 397 -24.44 -2.89 -1.94
C GLY B 397 -25.16 -4.10 -1.39
N VAL B 398 -25.62 -4.95 -2.31
CA VAL B 398 -26.27 -6.20 -1.90
C VAL B 398 -25.28 -7.36 -1.85
N VAL C 2 36.47 -30.85 -3.87
CA VAL C 2 36.90 -29.64 -4.56
C VAL C 2 38.33 -29.28 -4.17
N THR C 3 39.26 -29.47 -5.10
CA THR C 3 40.65 -29.13 -4.91
C THR C 3 41.06 -28.16 -6.02
N LEU C 4 41.76 -27.10 -5.65
CA LEU C 4 42.13 -26.11 -6.65
C LEU C 4 43.40 -25.42 -6.20
N HIS C 5 43.94 -24.57 -7.07
CA HIS C 5 45.16 -23.83 -6.82
C HIS C 5 44.82 -22.36 -6.70
N LEU C 6 45.14 -21.78 -5.55
CA LEU C 6 45.01 -20.35 -5.31
C LEU C 6 46.36 -19.68 -5.46
N ALA C 7 46.42 -18.62 -6.26
CA ALA C 7 47.61 -17.80 -6.43
C ALA C 7 47.33 -16.38 -5.97
N HIS C 8 48.27 -15.82 -5.21
CA HIS C 8 48.28 -14.41 -4.82
C HIS C 8 46.96 -13.98 -4.16
N LEU C 9 46.57 -14.73 -3.13
CA LEU C 9 45.50 -14.28 -2.26
C LEU C 9 45.86 -12.90 -1.70
N THR C 10 44.96 -11.93 -1.89
CA THR C 10 45.22 -10.58 -1.40
C THR C 10 43.98 -10.00 -0.74
N LEU C 11 44.09 -9.67 0.56
CA LEU C 11 43.02 -9.03 1.33
C LEU C 11 43.41 -7.57 1.50
N THR C 12 42.63 -6.67 0.88
CA THR C 12 42.97 -5.25 0.87
C THR C 12 41.84 -4.42 1.46
N HIS C 13 42.18 -3.20 1.89
CA HIS C 13 41.24 -2.30 2.54
C HIS C 13 41.33 -0.92 1.91
N ALA C 14 40.47 -0.02 2.40
CA ALA C 14 40.39 1.32 1.85
C ALA C 14 41.73 2.03 1.96
N GLN C 15 42.14 2.68 0.87
CA GLN C 15 43.39 3.41 0.81
C GLN C 15 43.13 4.83 0.35
N PRO C 16 44.01 5.78 0.71
CA PRO C 16 43.77 7.17 0.28
C PRO C 16 43.95 7.39 -1.22
N SER C 17 44.68 6.50 -1.89
CA SER C 17 44.84 6.55 -3.33
C SER C 17 45.09 5.14 -3.82
N TYR C 18 44.72 4.89 -5.07
CA TYR C 18 44.79 3.57 -5.68
C TYR C 18 45.66 3.65 -6.93
N ALA C 19 46.90 3.17 -6.81
CA ALA C 19 47.83 3.27 -7.93
C ALA C 19 47.34 2.50 -9.15
N ALA C 20 46.77 1.30 -8.94
CA ALA C 20 46.33 0.49 -10.07
C ALA C 20 45.26 1.18 -10.90
N LEU C 21 44.50 2.09 -10.31
CA LEU C 21 43.37 2.74 -10.96
C LEU C 21 43.77 3.82 -11.95
N GLU C 22 45.06 4.09 -12.14
CA GLU C 22 45.46 5.20 -13.00
C GLU C 22 45.34 4.86 -14.47
N CYS C 23 45.28 3.57 -14.83
CA CYS C 23 44.95 3.17 -16.19
C CYS C 23 43.55 3.62 -16.61
N ILE C 24 42.73 4.06 -15.67
CA ILE C 24 41.40 4.60 -15.96
C ILE C 24 41.50 6.10 -16.11
N PRO C 25 40.94 6.69 -17.18
CA PRO C 25 40.93 8.15 -17.31
C PRO C 25 40.37 8.81 -16.04
N ALA C 26 40.99 9.95 -15.68
CA ALA C 26 40.78 10.51 -14.34
C ALA C 26 39.32 10.89 -14.09
N MET C 27 38.63 11.43 -15.10
CA MET C 27 37.24 11.82 -14.93
C MET C 27 36.36 10.64 -14.54
N GLN C 28 36.48 9.53 -15.29
CA GLN C 28 35.72 8.32 -14.95
C GLN C 28 36.12 7.78 -13.58
N ARG C 29 37.41 7.77 -13.27
CA ARG C 29 37.89 7.14 -12.04
C ARG C 29 37.29 7.79 -10.79
N ARG C 30 37.00 9.09 -10.85
CA ARG C 30 36.49 9.79 -9.68
C ARG C 30 35.00 9.57 -9.45
N ARG C 31 34.25 9.19 -10.47
CA ARG C 31 32.83 8.90 -10.29
C ARG C 31 32.58 7.50 -9.74
N LEU C 32 33.62 6.69 -9.57
CA LEU C 32 33.47 5.39 -8.94
C LEU C 32 33.19 5.54 -7.46
N SER C 33 32.25 4.75 -6.95
CA SER C 33 31.98 4.71 -5.51
C SER C 33 33.22 4.20 -4.78
N PRO C 34 33.34 4.49 -3.47
CA PRO C 34 34.49 3.96 -2.73
C PRO C 34 34.61 2.45 -2.82
N LEU C 35 33.49 1.74 -2.78
CA LEU C 35 33.52 0.29 -2.91
C LEU C 35 34.00 -0.12 -4.29
N ALA C 36 33.56 0.58 -5.34
CA ALA C 36 33.99 0.27 -6.70
C ALA C 36 35.48 0.51 -6.88
N LYS C 37 36.01 1.60 -6.29
CA LYS C 37 37.45 1.85 -6.36
C LYS C 37 38.23 0.69 -5.75
N LEU C 38 37.78 0.21 -4.59
CA LEU C 38 38.48 -0.85 -3.90
C LEU C 38 38.43 -2.15 -4.69
N ALA C 39 37.24 -2.49 -5.22
CA ALA C 39 37.12 -3.75 -5.96
C ALA C 39 37.90 -3.71 -7.26
N LEU C 40 37.77 -2.63 -8.02
CA LEU C 40 38.51 -2.52 -9.28
C LEU C 40 40.01 -2.48 -9.04
N ASN C 41 40.47 -1.72 -8.04
CA ASN C 41 41.91 -1.70 -7.74
C ASN C 41 42.45 -3.11 -7.56
N THR C 42 41.77 -3.92 -6.74
CA THR C 42 42.22 -5.28 -6.47
C THR C 42 42.18 -6.14 -7.74
N ALA C 43 41.12 -6.03 -8.52
CA ALA C 43 41.04 -6.81 -9.76
C ALA C 43 42.19 -6.47 -10.69
N ILE C 44 42.41 -5.18 -10.96
CA ILE C 44 43.47 -4.76 -11.87
C ILE C 44 44.82 -5.24 -11.37
N SER C 45 45.06 -5.09 -10.06
CA SER C 45 46.34 -5.49 -9.49
C SER C 45 46.56 -6.99 -9.63
N SER C 46 45.51 -7.78 -9.38
CA SER C 46 45.64 -9.22 -9.40
C SER C 46 45.94 -9.75 -10.79
N LEU C 47 45.55 -9.03 -11.83
CA LEU C 47 45.77 -9.54 -13.18
C LEU C 47 47.09 -9.08 -13.79
N ASP C 48 47.60 -7.89 -13.43
CA ASP C 48 48.81 -7.31 -14.03
C ASP C 48 48.76 -7.33 -15.55
N GLY C 49 47.60 -7.01 -16.10
CA GLY C 49 47.42 -6.96 -17.55
C GLY C 49 47.31 -8.30 -18.24
N ARG C 50 47.38 -9.42 -17.50
CA ARG C 50 47.18 -10.76 -18.05
C ARG C 50 45.74 -11.17 -17.76
N SER C 51 44.91 -11.17 -18.79
CA SER C 51 43.49 -11.37 -18.57
C SER C 51 43.21 -12.79 -18.06
N ALA C 52 42.22 -12.91 -17.18
CA ALA C 52 41.67 -14.20 -16.81
C ALA C 52 40.72 -14.70 -17.92
N ASP C 53 40.25 -15.95 -17.79
CA ASP C 53 39.24 -16.47 -18.69
C ASP C 53 37.81 -16.28 -18.20
N TYR C 54 37.64 -15.93 -16.93
CA TYR C 54 36.33 -15.70 -16.32
C TYR C 54 36.58 -14.98 -15.00
N ILE C 55 35.67 -14.10 -14.61
CA ILE C 55 35.78 -13.39 -13.34
C ILE C 55 34.54 -13.68 -12.50
N VAL C 56 34.74 -14.12 -11.27
CA VAL C 56 33.64 -14.32 -10.33
C VAL C 56 33.70 -13.19 -9.31
N TRP C 57 32.70 -12.30 -9.33
CA TRP C 57 32.59 -11.21 -8.35
C TRP C 57 31.64 -11.65 -7.24
N VAL C 58 32.05 -11.43 -5.99
CA VAL C 58 31.31 -11.95 -4.84
C VAL C 58 31.07 -10.81 -3.87
N SER C 59 29.80 -10.56 -3.54
CA SER C 59 29.47 -9.51 -2.59
C SER C 59 28.16 -9.84 -1.89
N LYS C 60 28.16 -9.85 -0.56
CA LYS C 60 26.94 -10.18 0.15
C LYS C 60 25.89 -9.10 -0.04
N TYR C 61 26.31 -7.84 0.00
CA TYR C 61 25.41 -6.71 0.11
C TYR C 61 25.37 -5.80 -1.10
N GLY C 62 26.41 -5.77 -1.93
CA GLY C 62 26.43 -4.77 -2.98
C GLY C 62 26.71 -3.39 -2.40
N ASP C 63 26.22 -2.35 -3.08
CA ASP C 63 26.39 -0.98 -2.57
C ASP C 63 25.07 -0.53 -1.94
N GLU C 64 24.88 -0.94 -0.68
CA GLU C 64 23.59 -0.78 -0.02
C GLU C 64 23.31 0.66 0.39
N ALA C 65 24.36 1.45 0.65
CA ALA C 65 24.14 2.86 0.94
C ALA C 65 23.63 3.59 -0.29
N LYS C 66 24.13 3.24 -1.47
CA LYS C 66 23.67 3.85 -2.72
C LYS C 66 22.22 3.47 -3.02
N THR C 67 21.87 2.20 -2.79
CA THR C 67 20.49 1.75 -2.96
C THR C 67 19.55 2.43 -1.98
N LEU C 68 20.02 2.61 -0.74
CA LEU C 68 19.21 3.29 0.27
C LEU C 68 18.87 4.72 -0.15
N ASN C 69 19.84 5.41 -0.76
CA ASN C 69 19.62 6.77 -1.28
C ASN C 69 18.54 6.78 -2.36
N ILE C 70 18.62 5.82 -3.29
CA ILE C 70 17.63 5.72 -4.36
C ILE C 70 16.26 5.40 -3.79
N LEU C 71 16.20 4.47 -2.83
CA LEU C 71 14.91 4.10 -2.25
C LEU C 71 14.30 5.28 -1.51
N GLN C 72 15.13 6.12 -0.91
CA GLN C 72 14.60 7.28 -0.22
C GLN C 72 13.85 8.18 -1.19
N ASP C 73 14.44 8.46 -2.35
CA ASP C 73 13.75 9.22 -3.39
C ASP C 73 12.47 8.52 -3.82
N VAL C 74 12.59 7.25 -4.24
CA VAL C 74 11.44 6.48 -4.71
C VAL C 74 10.29 6.55 -3.69
N LEU C 75 10.58 6.25 -2.43
CA LEU C 75 9.53 6.20 -1.42
C LEU C 75 9.04 7.58 -1.01
N ASN C 76 9.69 8.64 -1.47
CA ASN C 76 9.17 10.01 -1.37
C ASN C 76 8.50 10.44 -2.67
N ASP C 77 8.14 9.48 -3.53
CA ASP C 77 7.47 9.73 -4.80
C ASP C 77 8.27 10.65 -5.71
N GLN C 78 9.60 10.58 -5.63
CA GLN C 78 10.47 11.28 -6.56
C GLN C 78 11.14 10.28 -7.47
N THR C 79 11.33 10.66 -8.72
CA THR C 79 12.04 9.80 -9.67
C THR C 79 13.52 9.83 -9.35
N PRO C 80 14.17 8.68 -9.19
CA PRO C 80 15.56 8.65 -8.72
C PRO C 80 16.55 9.05 -9.82
N SER C 81 17.80 9.18 -9.42
CA SER C 81 18.87 9.43 -10.38
C SER C 81 19.11 8.20 -11.25
N PRO C 82 19.02 8.31 -12.58
CA PRO C 82 19.20 7.11 -13.42
C PRO C 82 20.62 6.58 -13.41
N THR C 83 21.63 7.46 -13.34
CA THR C 83 23.00 6.98 -13.29
C THR C 83 23.29 6.30 -11.96
N GLN C 84 22.73 6.81 -10.87
CA GLN C 84 22.84 6.14 -9.58
C GLN C 84 22.15 4.79 -9.61
N PHE C 85 20.97 4.71 -10.22
CA PHE C 85 20.28 3.43 -10.27
C PHE C 85 21.04 2.41 -11.11
N SER C 86 21.51 2.83 -12.29
CA SER C 86 22.20 1.89 -13.16
C SER C 86 23.53 1.40 -12.54
N THR C 87 24.17 2.20 -11.68
CA THR C 87 25.38 1.74 -10.98
C THR C 87 25.09 1.17 -9.59
N SER C 88 23.83 1.03 -9.22
CA SER C 88 23.44 0.45 -7.94
C SER C 88 23.17 -1.04 -8.02
N VAL C 89 23.00 -1.59 -9.21
CA VAL C 89 22.64 -3.00 -9.31
C VAL C 89 23.79 -3.89 -8.85
N HIS C 90 23.47 -5.13 -8.49
CA HIS C 90 24.44 -5.98 -7.82
C HIS C 90 25.67 -6.25 -8.68
N ASN C 91 25.52 -6.30 -10.00
CA ASN C 91 26.64 -6.53 -10.90
C ASN C 91 27.21 -5.22 -11.50
N ALA C 92 26.90 -4.07 -10.92
CA ALA C 92 27.42 -2.81 -11.45
C ALA C 92 28.94 -2.81 -11.49
N ILE C 93 29.58 -3.35 -10.45
CA ILE C 93 31.03 -3.28 -10.37
C ILE C 93 31.68 -4.13 -11.45
N SER C 94 31.14 -5.33 -11.71
CA SER C 94 31.66 -6.11 -12.83
C SER C 94 31.50 -5.34 -14.15
N GLY C 95 30.38 -4.63 -14.31
CA GLY C 95 30.20 -3.84 -15.52
C GLY C 95 31.19 -2.70 -15.59
N LEU C 96 31.37 -1.99 -14.49
CA LEU C 96 32.33 -0.88 -14.45
C LEU C 96 33.74 -1.35 -14.74
N TYR C 97 34.18 -2.44 -14.10
CA TYR C 97 35.47 -3.03 -14.41
C TYR C 97 35.61 -3.30 -15.91
N SER C 98 34.63 -4.00 -16.49
CA SER C 98 34.79 -4.38 -17.90
C SER C 98 34.88 -3.16 -18.81
N ILE C 99 34.15 -2.10 -18.49
CA ILE C 99 34.15 -0.93 -19.39
C ILE C 99 35.40 -0.09 -19.19
N LEU C 100 35.71 0.23 -17.94
CA LEU C 100 36.78 1.19 -17.66
C LEU C 100 38.17 0.60 -17.88
N CYS C 101 38.32 -0.71 -17.68
CA CYS C 101 39.58 -1.39 -17.98
C CYS C 101 39.59 -2.10 -19.32
N GLN C 102 38.52 -1.94 -20.11
CA GLN C 102 38.40 -2.52 -21.45
C GLN C 102 38.76 -4.02 -21.43
N ASP C 103 38.06 -4.74 -20.56
CA ASP C 103 38.26 -6.18 -20.39
C ASP C 103 36.89 -6.84 -20.52
N ASP C 104 36.64 -7.47 -21.67
CA ASP C 104 35.38 -8.16 -21.92
C ASP C 104 35.39 -9.61 -21.44
N THR C 105 36.28 -9.97 -20.52
CA THR C 105 36.25 -11.31 -19.95
C THR C 105 34.86 -11.63 -19.42
N PRO C 106 34.29 -12.80 -19.72
CA PRO C 106 32.97 -13.14 -19.15
C PRO C 106 33.02 -13.15 -17.63
N SER C 107 31.89 -12.80 -17.02
CA SER C 107 31.89 -12.70 -15.57
C SER C 107 30.53 -13.07 -15.01
N THR C 108 30.50 -13.28 -13.69
CA THR C 108 29.27 -13.46 -12.95
C THR C 108 29.40 -12.67 -11.66
N SER C 109 28.25 -12.36 -11.07
CA SER C 109 28.21 -11.66 -9.79
C SER C 109 27.33 -12.46 -8.84
N LEU C 110 27.91 -12.86 -7.71
CA LEU C 110 27.23 -13.73 -6.76
C LEU C 110 27.02 -12.98 -5.46
N SER C 111 26.00 -13.39 -4.73
CA SER C 111 25.79 -12.96 -3.35
C SER C 111 25.93 -14.23 -2.52
N CYS C 112 27.12 -14.44 -1.95
CA CYS C 112 27.46 -15.71 -1.30
C CYS C 112 28.78 -15.52 -0.57
N SER C 113 29.22 -16.58 0.13
CA SER C 113 30.47 -16.58 0.89
C SER C 113 31.68 -16.74 -0.05
N TRP C 114 32.86 -16.47 0.51
CA TRP C 114 34.12 -16.68 -0.23
C TRP C 114 34.24 -18.10 -0.73
N THR C 115 33.92 -19.08 0.14
CA THR C 115 34.04 -20.48 -0.26
C THR C 115 33.10 -20.81 -1.41
N GLU C 116 31.88 -20.25 -1.41
CA GLU C 116 30.96 -20.52 -2.52
C GLU C 116 31.45 -19.89 -3.83
N GLY C 117 32.13 -18.75 -3.75
CA GLY C 117 32.77 -18.19 -4.93
C GLY C 117 33.85 -19.10 -5.50
N LEU C 118 34.64 -19.74 -4.63
CA LEU C 118 35.64 -20.68 -5.11
C LEU C 118 35.00 -21.92 -5.72
N ILE C 119 33.84 -22.35 -5.18
CA ILE C 119 33.13 -23.48 -5.76
C ILE C 119 32.66 -23.13 -7.17
N GLU C 120 32.12 -21.93 -7.35
CA GLU C 120 31.73 -21.49 -8.69
C GLU C 120 32.95 -21.46 -9.62
N ALA C 121 34.09 -20.97 -9.13
CA ALA C 121 35.32 -20.97 -9.93
C ALA C 121 35.77 -22.38 -10.28
N TYR C 122 35.76 -23.31 -9.32
CA TYR C 122 36.09 -24.70 -9.63
C TYR C 122 35.17 -25.25 -10.71
N ALA C 123 33.86 -25.05 -10.54
CA ALA C 123 32.89 -25.52 -11.54
C ALA C 123 33.21 -24.98 -12.93
N LEU C 124 33.56 -23.69 -13.03
CA LEU C 124 33.90 -23.13 -14.33
C LEU C 124 35.16 -23.79 -14.91
N LEU C 125 36.21 -23.92 -14.09
CA LEU C 125 37.47 -24.51 -14.53
C LEU C 125 37.29 -25.97 -14.93
N LYS C 126 36.58 -26.74 -14.10
CA LYS C 126 36.54 -28.20 -14.30
C LYS C 126 35.67 -28.57 -15.50
N SER C 127 34.59 -27.84 -15.73
CA SER C 127 33.65 -28.20 -16.78
C SER C 127 33.98 -27.58 -18.13
N MET C 128 34.80 -26.54 -18.18
CA MET C 128 35.01 -25.75 -19.40
C MET C 128 36.47 -25.83 -19.85
N PRO C 129 36.77 -26.52 -20.95
CA PRO C 129 38.18 -26.65 -21.39
C PRO C 129 38.83 -25.32 -21.72
N GLU C 130 38.07 -24.34 -22.18
CA GLU C 130 38.66 -23.05 -22.53
C GLU C 130 38.83 -22.13 -21.32
N ILE C 131 38.35 -22.52 -20.15
CA ILE C 131 38.52 -21.70 -18.95
C ILE C 131 39.64 -22.35 -18.15
N LYS C 132 40.79 -21.67 -18.11
CA LYS C 132 41.97 -22.19 -17.42
C LYS C 132 42.41 -21.34 -16.26
N ARG C 133 42.02 -20.07 -16.21
CA ARG C 133 42.29 -19.20 -15.07
C ARG C 133 41.02 -18.44 -14.76
N VAL C 134 40.68 -18.37 -13.49
CA VAL C 134 39.49 -17.63 -13.04
C VAL C 134 39.95 -16.65 -11.96
N LEU C 135 39.58 -15.38 -12.10
CA LEU C 135 39.79 -14.40 -11.05
C LEU C 135 38.55 -14.35 -10.16
N VAL C 136 38.75 -14.42 -8.84
CA VAL C 136 37.66 -14.33 -7.87
C VAL C 136 37.92 -13.09 -7.03
N VAL C 137 36.93 -12.20 -6.94
CA VAL C 137 37.06 -10.95 -6.21
C VAL C 137 35.85 -10.79 -5.30
N ALA C 138 36.06 -10.91 -4.00
CA ALA C 138 35.02 -10.67 -3.01
C ALA C 138 35.18 -9.25 -2.50
N TYR C 139 34.07 -8.57 -2.22
CA TYR C 139 34.14 -7.22 -1.68
C TYR C 139 32.87 -6.92 -0.90
N ASP C 140 32.99 -6.03 0.08
CA ASP C 140 31.82 -5.61 0.85
C ASP C 140 32.21 -4.42 1.71
N GLU C 141 31.22 -3.61 2.02
CA GLU C 141 31.30 -2.61 3.07
C GLU C 141 30.14 -2.87 4.03
N PRO C 142 30.23 -2.39 5.27
CA PRO C 142 29.21 -2.72 6.27
C PRO C 142 27.86 -2.10 5.94
N LEU C 143 26.81 -2.66 6.56
CA LEU C 143 25.45 -2.24 6.29
C LEU C 143 25.14 -0.86 6.87
N PRO C 144 24.29 -0.07 6.21
CA PRO C 144 23.83 1.19 6.80
C PRO C 144 23.19 0.96 8.16
N ASN C 145 23.28 1.97 9.04
CA ASN C 145 22.89 1.76 10.42
C ASN C 145 21.39 1.54 10.61
N ILE C 146 20.58 1.88 9.61
CA ILE C 146 19.13 1.67 9.73
C ILE C 146 18.79 0.21 10.00
N TYR C 147 19.64 -0.71 9.54
CA TYR C 147 19.31 -2.13 9.62
C TYR C 147 19.69 -2.72 10.96
N ALA C 148 18.82 -3.59 11.48
CA ALA C 148 18.97 -4.12 12.84
C ALA C 148 20.26 -4.92 13.00
N GLU C 149 20.61 -5.73 12.02
CA GLU C 149 21.78 -6.59 12.08
C GLU C 149 23.06 -5.87 11.68
N ALA C 150 22.99 -4.57 11.38
CA ALA C 150 24.17 -3.84 10.94
C ALA C 150 25.30 -3.96 11.95
N ILE C 151 26.48 -4.37 11.47
CA ILE C 151 27.68 -4.54 12.30
C ILE C 151 28.86 -3.96 11.53
N ASN C 152 29.61 -3.08 12.18
CA ASN C 152 30.72 -2.43 11.49
C ASN C 152 31.87 -3.38 11.24
N PHE C 153 32.48 -3.25 10.06
CA PHE C 153 33.77 -3.84 9.75
C PHE C 153 34.41 -2.94 8.70
N PRO C 154 35.74 -2.94 8.59
CA PRO C 154 36.36 -2.10 7.56
C PRO C 154 36.06 -2.70 6.19
N ALA C 155 35.67 -1.85 5.24
CA ALA C 155 35.38 -2.33 3.90
C ALA C 155 36.61 -3.02 3.33
N TYR C 156 36.39 -4.06 2.53
CA TYR C 156 37.51 -4.87 2.08
C TYR C 156 37.23 -5.38 0.68
N ALA C 157 38.30 -5.74 -0.03
CA ALA C 157 38.24 -6.63 -1.17
C ALA C 157 39.26 -7.74 -0.95
N MET C 158 38.91 -8.95 -1.37
CA MET C 158 39.83 -10.07 -1.28
C MET C 158 39.78 -10.81 -2.60
N ALA C 159 40.95 -11.04 -3.20
CA ALA C 159 41.03 -11.62 -4.54
C ALA C 159 42.07 -12.73 -4.59
N ALA C 160 41.89 -13.62 -5.56
CA ALA C 160 42.89 -14.62 -5.89
C ALA C 160 42.64 -15.06 -7.31
N VAL C 161 43.69 -15.59 -7.94
CA VAL C 161 43.57 -16.21 -9.25
C VAL C 161 43.54 -17.71 -9.06
N VAL C 162 42.54 -18.36 -9.64
CA VAL C 162 42.19 -19.74 -9.36
C VAL C 162 42.46 -20.56 -10.61
N THR C 163 43.15 -21.69 -10.43
CA THR C 163 43.46 -22.64 -11.49
C THR C 163 43.25 -24.04 -10.91
N LEU C 164 43.30 -25.04 -11.77
CA LEU C 164 43.11 -26.43 -11.36
C LEU C 164 44.40 -27.17 -11.10
N GLU C 165 45.49 -26.78 -11.76
CA GLU C 165 46.73 -27.55 -11.75
C GLU C 165 47.47 -27.37 -10.43
N GLN C 166 48.21 -28.41 -10.04
CA GLN C 166 48.94 -28.50 -8.77
C GLN C 166 48.13 -27.85 -7.63
N PRO C 167 46.95 -28.40 -7.31
CA PRO C 167 46.09 -27.73 -6.31
C PRO C 167 46.77 -27.60 -4.97
N ASN C 168 46.53 -26.46 -4.30
CA ASN C 168 47.04 -26.23 -2.96
C ASN C 168 45.95 -25.97 -1.92
N LEU C 169 44.68 -26.07 -2.30
CA LEU C 169 43.57 -25.92 -1.38
C LEU C 169 42.56 -27.03 -1.62
N GLN C 170 42.11 -27.66 -0.55
CA GLN C 170 40.97 -28.58 -0.59
C GLN C 170 39.85 -27.98 0.23
N ILE C 171 38.63 -28.01 -0.32
CA ILE C 171 37.45 -27.51 0.36
C ILE C 171 36.60 -28.72 0.69
N THR C 172 36.47 -29.02 1.99
CA THR C 172 35.73 -30.20 2.40
C THR C 172 34.39 -29.89 3.06
N ALA C 173 34.09 -28.62 3.34
CA ALA C 173 32.81 -28.25 3.92
C ALA C 173 32.25 -27.03 3.19
N TRP C 174 30.99 -27.11 2.79
CA TRP C 174 30.36 -26.07 1.97
C TRP C 174 30.09 -24.83 2.80
N ALA C 180 33.52 -17.66 9.12
CA ALA C 180 33.56 -18.30 7.83
C ALA C 180 33.82 -17.22 6.76
N GLU C 181 34.23 -16.05 7.25
CA GLU C 181 34.32 -14.82 6.49
C GLU C 181 35.65 -14.71 5.75
N ALA C 182 35.83 -13.58 5.06
CA ALA C 182 37.05 -13.37 4.28
C ALA C 182 38.30 -13.26 5.15
N PRO C 183 38.35 -12.45 6.22
CA PRO C 183 39.57 -12.43 7.04
C PRO C 183 39.90 -13.78 7.66
N ALA C 184 38.88 -14.58 7.99
CA ALA C 184 39.14 -15.93 8.48
C ALA C 184 39.90 -16.77 7.46
N PHE C 185 39.49 -16.70 6.18
CA PHE C 185 40.25 -17.46 5.18
C PHE C 185 41.67 -16.92 5.02
N ALA C 186 41.83 -15.60 4.96
CA ALA C 186 43.18 -15.05 4.81
C ALA C 186 44.04 -15.39 6.02
N HIS C 187 43.48 -15.33 7.22
CA HIS C 187 44.19 -15.73 8.43
C HIS C 187 44.75 -17.15 8.28
N PHE C 188 43.87 -18.08 7.89
CA PHE C 188 44.29 -19.47 7.70
C PHE C 188 45.30 -19.60 6.57
N TRP C 189 45.02 -18.95 5.44
CA TRP C 189 45.90 -19.07 4.28
C TRP C 189 47.31 -18.57 4.59
N GLN C 190 47.42 -17.42 5.24
CA GLN C 190 48.72 -16.79 5.45
C GLN C 190 49.50 -17.36 6.62
N ASP C 191 48.93 -18.28 7.40
CA ASP C 191 49.63 -18.86 8.56
C ASP C 191 50.47 -20.04 8.11
N ALA C 192 51.78 -19.86 8.06
CA ALA C 192 52.67 -20.89 7.56
C ALA C 192 52.66 -22.17 8.39
N ASP C 193 52.17 -22.13 9.64
CA ASP C 193 52.16 -23.32 10.48
C ASP C 193 50.80 -24.03 10.51
N GLN C 194 49.75 -23.43 9.94
CA GLN C 194 48.41 -24.00 9.99
C GLN C 194 48.10 -24.69 8.67
N LEU C 195 47.89 -26.00 8.73
CA LEU C 195 47.60 -26.81 7.54
C LEU C 195 46.10 -26.98 7.31
N THR C 196 45.29 -27.03 8.37
CA THR C 196 43.87 -27.30 8.28
C THR C 196 43.09 -26.21 9.00
N SER C 197 41.81 -26.09 8.64
CA SER C 197 40.91 -25.14 9.29
C SER C 197 39.62 -25.85 9.65
N ALA C 198 39.05 -25.48 10.80
CA ALA C 198 37.76 -26.06 11.18
C ALA C 198 36.64 -25.67 10.20
N PHE C 199 36.79 -24.60 9.44
CA PHE C 199 35.78 -24.24 8.44
C PHE C 199 35.78 -25.16 7.20
N GLY C 200 36.54 -26.25 7.17
CA GLY C 200 36.55 -27.13 6.02
C GLY C 200 37.53 -26.78 4.92
N TRP C 201 38.65 -26.15 5.26
CA TRP C 201 39.72 -25.87 4.31
C TRP C 201 40.97 -26.61 4.77
N ASN C 202 41.71 -27.19 3.83
CA ASN C 202 43.04 -27.65 4.15
C ASN C 202 43.97 -27.38 2.97
N LYS C 203 45.24 -27.17 3.30
CA LYS C 203 46.28 -26.96 2.31
C LYS C 203 46.86 -28.29 1.87
N CYS C 204 47.33 -28.35 0.63
CA CYS C 204 47.89 -29.59 0.09
C CYS C 204 48.97 -29.34 -0.97
N ALA D 9 28.42 -35.61 -29.94
CA ALA D 9 27.35 -35.45 -28.96
C ALA D 9 27.66 -34.29 -28.03
N ALA D 10 26.63 -33.70 -27.45
CA ALA D 10 26.72 -32.52 -26.59
C ALA D 10 27.24 -32.86 -25.20
N PRO D 11 28.54 -32.71 -24.94
CA PRO D 11 29.11 -33.24 -23.69
C PRO D 11 28.62 -32.55 -22.43
N MET D 12 28.04 -31.35 -22.53
CA MET D 12 27.54 -30.64 -21.36
C MET D 12 26.05 -30.82 -21.13
N ALA D 13 25.39 -31.67 -21.92
CA ALA D 13 23.94 -31.77 -21.83
C ALA D 13 23.52 -32.22 -20.44
N VAL D 14 22.47 -31.59 -19.91
CA VAL D 14 21.88 -31.99 -18.64
C VAL D 14 20.38 -32.02 -18.82
N GLY D 15 19.73 -33.00 -18.18
CA GLY D 15 18.30 -33.20 -18.37
C GLY D 15 17.47 -32.37 -17.38
N ILE D 16 16.37 -31.83 -17.86
CA ILE D 16 15.44 -31.07 -17.04
C ILE D 16 14.42 -32.05 -16.48
N GLN D 17 14.63 -32.50 -15.24
CA GLN D 17 13.83 -33.58 -14.67
C GLN D 17 12.46 -33.10 -14.20
N PHE D 18 12.39 -31.91 -13.58
CA PHE D 18 11.14 -31.30 -13.14
C PHE D 18 11.21 -29.80 -13.44
N SER D 19 10.04 -29.17 -13.60
CA SER D 19 10.03 -27.73 -13.83
C SER D 19 8.71 -27.11 -13.42
N VAL D 20 8.76 -25.81 -13.13
CA VAL D 20 7.58 -25.05 -12.74
C VAL D 20 7.81 -23.59 -13.13
N GLY D 21 6.75 -22.93 -13.58
CA GLY D 21 6.85 -21.55 -14.01
C GLY D 21 5.59 -20.79 -13.70
N LEU D 22 5.65 -19.94 -12.68
CA LEU D 22 4.54 -19.08 -12.28
C LEU D 22 4.81 -17.65 -12.72
N SER D 23 3.79 -17.01 -13.31
CA SER D 23 3.96 -15.71 -13.96
C SER D 23 2.57 -15.16 -14.29
N ALA D 24 2.55 -14.00 -14.95
CA ALA D 24 1.28 -13.48 -15.46
C ALA D 24 0.60 -14.45 -16.41
N LEU D 25 1.33 -15.43 -16.94
CA LEU D 25 0.72 -16.42 -17.84
C LEU D 25 -0.28 -17.31 -17.13
N GLY D 26 -0.18 -17.45 -15.81
CA GLY D 26 -1.10 -18.21 -15.02
C GLY D 26 -0.37 -19.22 -14.17
N CYS D 27 -1.14 -20.15 -13.59
CA CYS D 27 -0.59 -21.19 -12.74
C CYS D 27 -0.98 -22.60 -13.16
N GLU D 28 -1.94 -22.75 -14.08
CA GLU D 28 -2.26 -24.04 -14.68
C GLU D 28 -1.62 -24.14 -16.06
N LEU D 29 -0.93 -25.25 -16.31
CA LEU D 29 -0.16 -25.40 -17.55
C LEU D 29 -1.04 -25.21 -18.79
N ASN D 30 -2.27 -25.72 -18.77
CA ASN D 30 -3.08 -25.61 -19.98
C ASN D 30 -3.50 -24.16 -20.23
N GLN D 31 -3.78 -23.41 -19.15
CA GLN D 31 -4.03 -21.98 -19.27
C GLN D 31 -2.77 -21.24 -19.72
N ILE D 32 -1.63 -21.59 -19.14
CA ILE D 32 -0.37 -20.93 -19.50
C ILE D 32 -0.10 -21.12 -20.99
N LYS D 33 -0.25 -22.36 -21.48
CA LYS D 33 -0.03 -22.62 -22.91
C LYS D 33 -1.01 -21.83 -23.77
N GLN D 34 -2.27 -21.79 -23.35
CA GLN D 34 -3.29 -21.07 -24.11
C GLN D 34 -2.97 -19.58 -24.20
N ALA D 35 -2.47 -19.00 -23.10
CA ALA D 35 -2.10 -17.58 -23.09
C ALA D 35 -0.94 -17.29 -24.06
N LEU D 36 -0.01 -18.24 -24.25
CA LEU D 36 1.11 -18.04 -25.16
C LEU D 36 0.73 -18.27 -26.61
N GLN D 37 -0.26 -19.12 -26.87
CA GLN D 37 -0.68 -19.44 -28.22
C GLN D 37 -1.70 -18.45 -28.78
N GLN D 38 -2.37 -17.65 -27.94
CA GLN D 38 -3.40 -16.73 -28.38
C GLN D 38 -3.06 -15.28 -28.06
N PRO D 39 -3.64 -14.33 -28.80
CA PRO D 39 -3.39 -12.94 -28.50
C PRO D 39 -4.13 -12.43 -27.27
N GLN D 40 -4.02 -13.16 -26.16
CA GLN D 40 -4.60 -12.68 -24.91
C GLN D 40 -3.81 -11.50 -24.37
N GLN D 41 -4.46 -10.72 -23.52
CA GLN D 41 -3.83 -9.62 -22.81
C GLN D 41 -3.68 -10.03 -21.35
N THR D 42 -2.45 -10.37 -20.94
CA THR D 42 -2.20 -10.95 -19.63
C THR D 42 -1.69 -9.97 -18.59
N LEU D 43 -1.33 -8.74 -18.98
CA LEU D 43 -0.77 -7.82 -18.01
C LEU D 43 -1.88 -7.16 -17.18
N SER D 44 -1.48 -6.62 -16.04
CA SER D 44 -2.40 -6.01 -15.08
C SER D 44 -2.02 -4.54 -14.88
N LEU D 45 -3.03 -3.69 -14.73
CA LEU D 45 -2.82 -2.27 -14.55
C LEU D 45 -2.69 -1.94 -13.06
N ARG D 46 -1.60 -1.28 -12.68
CA ARG D 46 -1.31 -0.97 -11.29
C ARG D 46 -1.12 0.52 -11.10
N ASP D 47 -1.81 1.09 -10.11
CA ASP D 47 -1.69 2.51 -9.81
C ASP D 47 -0.88 2.79 -8.57
N ASP D 48 -0.33 1.76 -7.93
CA ASP D 48 0.36 1.89 -6.65
C ASP D 48 1.87 1.70 -6.75
N LEU D 49 2.43 1.73 -7.96
CA LEU D 49 3.86 1.49 -8.13
C LEU D 49 4.64 2.75 -8.47
N ILE D 50 4.10 3.58 -9.37
CA ILE D 50 4.70 4.85 -9.76
C ILE D 50 3.68 5.93 -9.44
N ALA D 51 4.14 6.99 -8.77
CA ALA D 51 3.26 8.10 -8.41
C ALA D 51 2.69 8.77 -9.65
N ASP D 52 1.39 9.10 -9.59
CA ASP D 52 0.72 9.85 -10.66
C ASP D 52 0.77 9.09 -11.98
N ARG D 53 0.56 7.78 -11.95
CA ARG D 53 0.67 6.99 -13.16
C ARG D 53 0.10 5.59 -12.95
N ASP D 54 -0.52 5.06 -14.01
CA ASP D 54 -0.87 3.65 -14.08
C ASP D 54 0.13 2.94 -14.99
N VAL D 55 0.64 1.79 -14.56
CA VAL D 55 1.58 1.02 -15.36
C VAL D 55 1.03 -0.37 -15.57
N TRP D 56 1.21 -0.90 -16.78
CA TRP D 56 0.94 -2.29 -17.08
C TRP D 56 2.12 -3.13 -16.60
N VAL D 57 1.83 -4.20 -15.85
CA VAL D 57 2.85 -5.06 -15.25
C VAL D 57 2.44 -6.52 -15.38
N GLY D 58 3.43 -7.39 -15.43
CA GLY D 58 3.18 -8.83 -15.42
C GLY D 58 3.00 -9.25 -13.98
N GLN D 59 1.76 -9.23 -13.49
CA GLN D 59 1.49 -9.56 -12.09
C GLN D 59 1.02 -11.01 -11.98
N TYR D 60 1.49 -11.70 -10.95
CA TYR D 60 1.00 -13.04 -10.63
C TYR D 60 -0.31 -12.87 -9.87
N THR D 61 -1.42 -13.30 -10.48
CA THR D 61 -2.76 -13.00 -9.98
C THR D 61 -3.40 -14.18 -9.25
N HIS D 62 -2.61 -14.99 -8.55
CA HIS D 62 -3.10 -16.17 -7.87
C HIS D 62 -2.52 -16.20 -6.47
N PRO D 63 -3.19 -16.89 -5.54
CA PRO D 63 -2.76 -16.83 -4.14
C PRO D 63 -1.42 -17.52 -3.93
N LEU D 64 -0.58 -16.88 -3.11
CA LEU D 64 0.64 -17.48 -2.65
C LEU D 64 0.39 -18.23 -1.35
N CYS D 65 1.30 -19.12 -1.01
CA CYS D 65 1.20 -19.79 0.28
C CYS D 65 1.12 -18.75 1.39
N SER D 66 0.32 -19.04 2.42
CA SER D 66 0.06 -18.08 3.47
C SER D 66 1.07 -18.17 4.61
N SER D 67 1.94 -19.17 4.59
CA SER D 67 2.86 -19.39 5.68
C SER D 67 4.23 -19.76 5.13
N VAL D 68 5.23 -19.59 5.97
CA VAL D 68 6.58 -20.08 5.71
C VAL D 68 6.93 -20.92 6.94
N PRO D 69 7.71 -22.01 6.81
CA PRO D 69 8.06 -22.79 8.00
C PRO D 69 8.60 -21.93 9.13
N ASP D 70 8.30 -22.34 10.36
CA ASP D 70 8.64 -21.53 11.53
C ASP D 70 10.13 -21.21 11.57
N ALA D 71 10.98 -22.17 11.17
CA ALA D 71 12.42 -21.94 11.21
C ALA D 71 12.93 -21.02 10.12
N MET D 72 12.05 -20.51 9.25
CA MET D 72 12.44 -19.58 8.20
C MET D 72 11.76 -18.22 8.37
N ARG D 73 11.15 -17.97 9.53
CA ARG D 73 10.38 -16.75 9.72
C ARG D 73 11.25 -15.50 9.56
N SER D 74 12.54 -15.59 9.89
CA SER D 74 13.37 -14.40 9.82
C SER D 74 13.64 -13.95 8.38
N VAL D 75 13.38 -14.80 7.40
CA VAL D 75 13.62 -14.45 5.99
C VAL D 75 12.32 -14.33 5.21
N ASP D 76 11.17 -14.39 5.89
CA ASP D 76 9.87 -14.34 5.24
C ASP D 76 9.72 -13.07 4.41
N SER D 77 9.10 -13.20 3.25
CA SER D 77 8.82 -12.09 2.35
C SER D 77 7.86 -12.59 1.28
N ARG D 78 7.27 -11.66 0.54
CA ARG D 78 6.44 -12.09 -0.58
C ARG D 78 7.28 -12.84 -1.62
N ASN D 79 8.52 -12.41 -1.83
CA ASN D 79 9.39 -13.06 -2.80
C ASN D 79 9.64 -14.51 -2.42
N LEU D 80 9.97 -14.76 -1.15
CA LEU D 80 10.16 -16.13 -0.70
C LEU D 80 8.88 -16.93 -0.79
N ARG D 81 7.74 -16.33 -0.42
CA ARG D 81 6.48 -17.07 -0.50
C ARG D 81 6.16 -17.43 -1.95
N PHE D 82 6.47 -16.52 -2.89
CA PHE D 82 6.32 -16.80 -4.31
C PHE D 82 7.18 -17.99 -4.72
N ALA D 83 8.44 -17.99 -4.27
CA ALA D 83 9.34 -19.09 -4.56
C ALA D 83 8.78 -20.41 -4.01
N LEU D 84 8.32 -20.40 -2.76
CA LEU D 84 7.80 -21.62 -2.16
C LEU D 84 6.49 -22.05 -2.80
N THR D 85 5.70 -21.09 -3.27
CA THR D 85 4.49 -21.43 -4.02
C THR D 85 4.84 -22.23 -5.28
N ALA D 86 5.87 -21.79 -6.03
CA ALA D 86 6.29 -22.55 -7.20
C ALA D 86 6.89 -23.90 -6.81
N LEU D 87 7.82 -23.89 -5.84
CA LEU D 87 8.50 -25.12 -5.46
C LEU D 87 7.52 -26.19 -4.98
N SER D 88 6.48 -25.80 -4.24
CA SER D 88 5.54 -26.80 -3.74
C SER D 88 4.77 -27.48 -4.87
N LYS D 89 4.75 -26.93 -6.08
CA LYS D 89 4.11 -27.60 -7.21
C LYS D 89 4.86 -28.86 -7.63
N ILE D 90 6.17 -28.92 -7.39
CA ILE D 90 7.00 -30.06 -7.80
C ILE D 90 7.60 -30.78 -6.60
N GLU D 91 7.30 -30.33 -5.38
CA GLU D 91 8.02 -30.75 -4.18
C GLU D 91 7.85 -32.24 -3.90
N THR D 92 6.65 -32.78 -4.13
CA THR D 92 6.40 -34.18 -3.81
C THR D 92 7.15 -35.11 -4.75
N GLU D 93 7.04 -34.96 -6.08
CA GLU D 93 7.83 -35.83 -6.94
C GLU D 93 9.32 -35.54 -6.81
N LEU D 94 9.70 -34.29 -6.47
CA LEU D 94 11.11 -33.99 -6.30
C LEU D 94 11.71 -34.77 -5.12
N LYS D 95 11.01 -34.81 -3.98
CA LYS D 95 11.52 -35.55 -2.83
C LYS D 95 11.63 -37.05 -3.14
N ALA D 96 10.65 -37.59 -3.85
CA ALA D 96 10.75 -38.98 -4.28
C ALA D 96 11.98 -39.19 -5.16
N TYR D 97 12.32 -38.20 -5.99
CA TYR D 97 13.43 -38.32 -6.92
C TYR D 97 14.79 -38.19 -6.21
N THR D 98 14.90 -37.27 -5.25
CA THR D 98 16.20 -37.03 -4.64
C THR D 98 16.58 -38.10 -3.63
N ALA D 99 15.65 -39.00 -3.26
CA ALA D 99 15.92 -40.03 -2.26
C ALA D 99 17.14 -40.88 -2.58
N SER D 100 17.43 -41.11 -3.86
CA SER D 100 18.53 -42.01 -4.21
C SER D 100 19.87 -41.30 -4.30
N PHE D 101 19.94 -40.01 -3.97
CA PHE D 101 21.17 -39.24 -4.03
C PHE D 101 21.57 -38.83 -2.62
N GLU D 102 22.88 -38.67 -2.40
CA GLU D 102 23.34 -38.18 -1.11
C GLU D 102 22.92 -36.73 -0.91
N ASN D 103 22.55 -36.38 0.33
CA ASN D 103 22.12 -35.01 0.61
C ASN D 103 23.19 -34.00 0.21
N LYS D 104 24.47 -34.32 0.45
CA LYS D 104 25.54 -33.41 0.09
C LYS D 104 25.73 -33.26 -1.41
N ARG D 105 25.01 -34.02 -2.23
CA ARG D 105 25.09 -33.89 -3.68
C ARG D 105 23.86 -33.22 -4.28
N LEU D 106 23.03 -32.58 -3.46
CA LEU D 106 21.86 -31.83 -3.92
C LEU D 106 22.19 -30.36 -3.78
N ALA D 107 22.35 -29.67 -4.90
CA ALA D 107 22.80 -28.28 -4.93
C ALA D 107 21.70 -27.36 -5.43
N ILE D 108 21.90 -26.06 -5.19
CA ILE D 108 20.94 -25.03 -5.53
C ILE D 108 21.68 -23.81 -6.04
N VAL D 109 21.34 -23.36 -7.24
CA VAL D 109 21.81 -22.07 -7.75
C VAL D 109 20.62 -21.34 -8.31
N VAL D 110 20.30 -20.18 -7.75
CA VAL D 110 19.13 -19.42 -8.18
C VAL D 110 19.53 -17.97 -8.38
N GLY D 111 18.76 -17.28 -9.21
CA GLY D 111 18.99 -15.87 -9.52
C GLY D 111 17.85 -15.02 -8.99
N THR D 112 18.20 -13.83 -8.52
CA THR D 112 17.18 -12.84 -8.18
C THR D 112 17.82 -11.47 -8.23
N SER D 113 17.04 -10.48 -8.66
CA SER D 113 17.44 -9.09 -8.60
C SER D 113 16.66 -8.30 -7.55
N THR D 114 15.60 -8.84 -6.99
CA THR D 114 14.83 -8.15 -5.97
C THR D 114 14.97 -8.75 -4.58
N SER D 115 15.14 -10.08 -4.48
CA SER D 115 14.94 -10.80 -3.23
C SER D 115 13.71 -10.24 -2.55
N GLY D 116 13.76 -10.04 -1.23
CA GLY D 116 12.58 -9.59 -0.51
C GLY D 116 12.45 -8.09 -0.31
N ILE D 117 12.98 -7.28 -1.23
CA ILE D 117 13.03 -5.85 -1.01
C ILE D 117 11.62 -5.24 -0.91
N ALA D 118 10.63 -5.82 -1.60
CA ALA D 118 9.30 -5.22 -1.58
C ALA D 118 8.73 -5.14 -0.18
N ASP D 119 9.05 -6.13 0.66
CA ASP D 119 8.57 -6.14 2.04
C ASP D 119 9.20 -5.03 2.88
N ASN D 120 10.46 -4.69 2.65
CA ASN D 120 11.08 -3.66 3.48
C ASN D 120 10.79 -2.23 3.00
N GLU D 121 10.30 -2.08 1.76
CA GLU D 121 9.97 -0.74 1.26
C GLU D 121 8.93 -0.07 2.16
N LEU D 122 7.98 -0.85 2.68
CA LEU D 122 7.01 -0.31 3.62
C LEU D 122 7.67 0.25 4.87
N LEU D 123 8.58 -0.51 5.48
CA LEU D 123 9.21 -0.07 6.72
C LEU D 123 10.16 1.09 6.48
N LEU D 124 10.92 1.01 5.38
CA LEU D 124 11.83 2.09 5.04
C LEU D 124 11.07 3.40 4.80
N LYS D 125 9.92 3.33 4.13
CA LYS D 125 9.08 4.51 4.02
C LYS D 125 8.69 5.03 5.39
N GLN D 126 8.28 4.14 6.30
CA GLN D 126 7.93 4.56 7.65
C GLN D 126 9.08 5.28 8.32
N TYR D 127 10.30 4.77 8.12
CA TYR D 127 11.48 5.42 8.67
C TYR D 127 11.66 6.81 8.08
N PHE D 128 11.66 6.90 6.75
CA PHE D 128 11.89 8.20 6.11
C PHE D 128 10.77 9.20 6.39
N GLN D 129 9.56 8.73 6.71
CA GLN D 129 8.46 9.66 6.99
C GLN D 129 8.45 10.15 8.43
N GLY D 130 9.31 9.64 9.30
CA GLY D 130 9.40 10.23 10.62
C GLY D 130 9.64 9.28 11.78
N GLN D 131 9.37 7.98 11.60
CA GLN D 131 9.58 7.06 12.73
C GLN D 131 11.02 6.60 12.73
N THR D 132 11.88 7.45 13.28
CA THR D 132 13.33 7.23 13.27
C THR D 132 13.79 6.18 14.27
N ASP D 133 12.88 5.66 15.10
CA ASP D 133 13.24 4.61 16.04
C ASP D 133 13.22 3.23 15.40
N LEU D 134 12.71 3.11 14.19
CA LEU D 134 12.39 1.83 13.59
C LEU D 134 13.64 0.97 13.42
N SER D 135 13.52 -0.30 13.79
CA SER D 135 14.57 -1.30 13.56
C SER D 135 14.12 -2.20 12.42
N ILE D 136 14.86 -2.19 11.32
CA ILE D 136 14.44 -2.90 10.11
C ILE D 136 15.38 -4.06 9.86
N SER D 137 14.83 -5.25 9.67
CA SER D 137 15.63 -6.44 9.43
C SER D 137 16.10 -6.42 7.98
N HIS D 138 17.42 -6.50 7.78
CA HIS D 138 17.98 -6.54 6.43
C HIS D 138 17.94 -7.95 5.83
N TYR D 139 17.92 -9.00 6.66
CA TYR D 139 17.91 -10.38 6.18
C TYR D 139 17.00 -10.66 4.99
N PRO D 140 15.70 -10.33 5.02
CA PRO D 140 14.83 -10.78 3.92
C PRO D 140 15.13 -10.14 2.58
N GLN D 141 15.83 -9.00 2.56
CA GLN D 141 16.11 -8.31 1.30
C GLN D 141 17.50 -8.63 0.74
N GLU D 142 18.29 -9.45 1.43
CA GLU D 142 19.59 -9.86 0.93
C GLU D 142 19.44 -10.83 -0.24
N MET D 143 20.27 -10.64 -1.28
CA MET D 143 20.17 -11.54 -2.42
C MET D 143 20.44 -12.99 -2.02
N SER D 144 21.44 -13.21 -1.15
CA SER D 144 21.83 -14.58 -0.79
C SER D 144 20.74 -15.33 -0.05
N CYS D 145 19.80 -14.60 0.54
CA CYS D 145 18.74 -15.20 1.33
C CYS D 145 17.92 -16.20 0.53
N LEU D 146 17.83 -16.01 -0.80
CA LEU D 146 17.01 -16.88 -1.63
C LEU D 146 17.53 -18.32 -1.65
N ALA D 147 18.81 -18.51 -2.01
CA ALA D 147 19.31 -19.87 -2.10
C ALA D 147 19.32 -20.55 -0.73
N LYS D 148 19.67 -19.80 0.32
CA LYS D 148 19.77 -20.36 1.67
C LYS D 148 18.40 -20.72 2.24
N ALA D 149 17.38 -19.91 1.94
CA ALA D 149 16.02 -20.29 2.40
C ALA D 149 15.54 -21.55 1.69
N LEU D 150 15.73 -21.62 0.36
CA LEU D 150 15.31 -22.81 -0.38
C LEU D 150 16.05 -24.05 0.10
N GLN D 151 17.34 -23.91 0.39
CA GLN D 151 18.13 -25.03 0.88
C GLN D 151 17.57 -25.53 2.21
N GLN D 152 17.25 -24.59 3.10
CA GLN D 152 16.68 -24.96 4.39
C GLN D 152 15.29 -25.56 4.24
N TYR D 153 14.49 -25.01 3.31
CA TYR D 153 13.17 -25.58 3.04
C TYR D 153 13.27 -27.05 2.62
N LEU D 154 14.19 -27.34 1.71
CA LEU D 154 14.31 -28.69 1.15
C LEU D 154 15.19 -29.60 1.98
N GLY D 155 15.98 -29.06 2.90
CA GLY D 155 16.90 -29.86 3.69
C GLY D 155 18.09 -30.38 2.93
N TRP D 156 18.50 -29.73 1.85
CA TRP D 156 19.61 -30.19 1.04
C TRP D 156 20.93 -29.71 1.63
N GLU D 157 22.03 -30.35 1.21
CA GLU D 157 23.33 -30.07 1.81
C GLU D 157 24.45 -29.86 0.82
N GLY D 158 24.19 -29.84 -0.48
CA GLY D 158 25.19 -29.40 -1.40
C GLY D 158 25.37 -27.89 -1.34
N PRO D 159 26.24 -27.36 -2.19
CA PRO D 159 26.37 -25.90 -2.30
C PRO D 159 25.02 -25.25 -2.61
N ALA D 160 24.82 -24.05 -2.08
CA ALA D 160 23.63 -23.27 -2.38
C ALA D 160 24.04 -21.81 -2.45
N TYR D 161 23.90 -21.19 -3.62
CA TYR D 161 24.25 -19.78 -3.71
C TYR D 161 23.39 -19.09 -4.76
N THR D 162 23.46 -17.77 -4.74
CA THR D 162 22.57 -16.90 -5.50
C THR D 162 23.39 -16.07 -6.48
N ILE D 163 22.94 -16.04 -7.74
CA ILE D 163 23.49 -15.17 -8.76
C ILE D 163 22.65 -13.91 -8.83
N SER D 164 23.31 -12.74 -8.89
CA SER D 164 22.54 -11.49 -9.02
C SER D 164 23.25 -10.61 -10.05
N THR D 165 22.81 -10.72 -11.29
CA THR D 165 23.36 -10.01 -12.43
C THR D 165 22.23 -9.35 -13.21
N ALA D 166 21.30 -8.71 -12.49
CA ALA D 166 20.17 -8.00 -13.09
C ALA D 166 19.43 -8.98 -14.00
N CYS D 167 19.13 -8.61 -15.25
CA CYS D 167 18.24 -9.38 -16.12
C CYS D 167 18.80 -10.71 -16.60
N SER D 168 20.09 -11.01 -16.41
CA SER D 168 20.62 -12.30 -16.79
C SER D 168 20.69 -13.29 -15.63
N SER D 169 20.24 -12.89 -14.44
CA SER D 169 20.50 -13.67 -13.22
C SER D 169 20.08 -15.13 -13.36
N SER D 170 18.81 -15.36 -13.69
CA SER D 170 18.33 -16.73 -13.61
C SER D 170 18.80 -17.56 -14.80
N ALA D 171 19.02 -16.95 -15.96
CA ALA D 171 19.60 -17.69 -17.06
C ALA D 171 21.03 -18.14 -16.72
N LYS D 172 21.81 -17.27 -16.09
CA LYS D 172 23.13 -17.68 -15.65
C LYS D 172 23.05 -18.76 -14.58
N ALA D 173 21.97 -18.79 -13.80
CA ALA D 173 21.82 -19.84 -12.80
C ALA D 173 21.62 -21.20 -13.47
N LEU D 174 20.88 -21.25 -14.58
CA LEU D 174 20.77 -22.51 -15.32
C LEU D 174 22.13 -22.95 -15.84
N ALA D 175 22.89 -22.03 -16.44
CA ALA D 175 24.23 -22.37 -16.91
C ALA D 175 25.12 -22.84 -15.77
N ALA D 176 24.99 -22.22 -14.58
CA ALA D 176 25.82 -22.59 -13.44
C ALA D 176 25.51 -24.00 -12.95
N GLY D 177 24.23 -24.37 -12.91
CA GLY D 177 23.88 -25.71 -12.47
C GLY D 177 24.36 -26.78 -13.45
N GLN D 178 24.31 -26.45 -14.75
CA GLN D 178 24.89 -27.32 -15.76
C GLN D 178 26.37 -27.58 -15.50
N ARG D 179 27.12 -26.53 -15.16
CA ARG D 179 28.54 -26.69 -14.84
C ARG D 179 28.74 -27.48 -13.56
N LEU D 180 27.90 -27.27 -12.54
CA LEU D 180 28.06 -28.00 -11.29
C LEU D 180 27.93 -29.50 -11.53
N LEU D 181 27.01 -29.90 -12.41
CA LEU D 181 26.83 -31.32 -12.71
C LEU D 181 28.05 -31.88 -13.44
N HIS D 182 28.56 -31.15 -14.41
CA HIS D 182 29.68 -31.66 -15.21
C HIS D 182 31.04 -31.35 -14.61
N ALA D 183 31.08 -30.72 -13.44
CA ALA D 183 32.27 -30.67 -12.61
C ALA D 183 32.24 -31.70 -11.49
N ASP D 184 31.23 -32.58 -11.48
CA ASP D 184 31.09 -33.64 -10.47
C ASP D 184 30.91 -33.07 -9.06
N LEU D 185 30.35 -31.87 -8.96
CA LEU D 185 30.09 -31.26 -7.66
C LEU D 185 28.71 -31.59 -7.11
N ALA D 186 27.82 -32.07 -7.96
CA ALA D 186 26.45 -32.35 -7.54
C ALA D 186 25.87 -33.38 -8.50
N ASP D 187 24.85 -34.08 -8.02
CA ASP D 187 24.10 -35.00 -8.87
C ASP D 187 22.76 -34.44 -9.28
N VAL D 188 22.23 -33.47 -8.52
CA VAL D 188 20.99 -32.77 -8.81
C VAL D 188 21.18 -31.31 -8.45
N VAL D 189 20.68 -30.42 -9.30
CA VAL D 189 20.73 -28.98 -9.02
C VAL D 189 19.36 -28.38 -9.26
N LEU D 190 18.84 -27.68 -8.26
CA LEU D 190 17.68 -26.84 -8.44
C LEU D 190 18.17 -25.47 -8.90
N VAL D 191 17.71 -25.04 -10.08
CA VAL D 191 18.10 -23.77 -10.66
C VAL D 191 16.85 -23.00 -11.03
N GLY D 192 17.02 -21.70 -11.21
CA GLY D 192 15.94 -20.84 -11.65
C GLY D 192 16.08 -19.47 -11.03
N GLY D 193 14.93 -18.84 -10.79
CA GLY D 193 14.90 -17.47 -10.34
C GLY D 193 13.52 -17.01 -9.91
N VAL D 194 13.49 -16.04 -9.00
CA VAL D 194 12.25 -15.45 -8.54
C VAL D 194 12.50 -13.95 -8.34
N ASP D 195 11.64 -13.14 -8.93
CA ASP D 195 11.63 -11.70 -8.73
C ASP D 195 10.19 -11.31 -8.48
N THR D 196 9.98 -10.31 -7.63
CA THR D 196 8.65 -9.79 -7.38
C THR D 196 8.62 -8.29 -7.68
N LEU D 197 7.44 -7.81 -8.08
CA LEU D 197 7.23 -6.38 -8.32
C LEU D 197 7.53 -5.56 -7.06
N CYS D 198 8.16 -4.41 -7.25
CA CYS D 198 8.47 -3.51 -6.14
C CYS D 198 8.64 -2.11 -6.68
N LYS D 199 8.55 -1.14 -5.76
CA LYS D 199 8.68 0.26 -6.18
C LYS D 199 10.08 0.55 -6.69
N LEU D 200 11.09 -0.15 -6.17
CA LEU D 200 12.46 0.16 -6.54
C LEU D 200 12.70 -0.11 -8.03
N THR D 201 12.28 -1.28 -8.53
CA THR D 201 12.53 -1.59 -9.93
C THR D 201 11.69 -0.71 -10.85
N LEU D 202 10.40 -0.52 -10.54
CA LEU D 202 9.54 0.23 -11.43
C LEU D 202 10.03 1.66 -11.58
N ASN D 203 10.42 2.29 -10.47
CA ASN D 203 10.82 3.69 -10.53
C ASN D 203 12.25 3.83 -11.03
N GLY D 204 13.11 2.88 -10.69
CA GLY D 204 14.44 2.85 -11.25
C GLY D 204 14.43 2.76 -12.76
N PHE D 205 13.65 1.82 -13.31
CA PHE D 205 13.64 1.72 -14.77
C PHE D 205 12.88 2.89 -15.39
N ASN D 206 11.91 3.45 -14.67
CA ASN D 206 11.28 4.68 -15.14
C ASN D 206 12.29 5.81 -15.24
N SER D 207 13.23 5.91 -14.29
CA SER D 207 14.20 7.02 -14.31
C SER D 207 15.11 6.93 -15.53
N LEU D 208 15.37 5.71 -16.02
CA LEU D 208 16.11 5.45 -17.24
C LEU D 208 15.27 5.62 -18.49
N GLU D 209 13.97 5.92 -18.35
CA GLU D 209 13.05 6.05 -19.46
C GLU D 209 12.90 4.74 -20.22
N SER D 210 12.96 3.63 -19.48
CA SER D 210 12.89 2.33 -20.09
C SER D 210 11.49 1.74 -20.11
N LEU D 211 10.52 2.41 -19.49
CA LEU D 211 9.17 1.88 -19.34
C LEU D 211 8.26 2.34 -20.46
N SER D 212 7.48 1.41 -21.00
CA SER D 212 6.44 1.76 -21.96
C SER D 212 5.31 2.54 -21.29
N ALA D 213 4.69 3.44 -22.05
CA ALA D 213 3.50 4.15 -21.60
C ALA D 213 2.25 3.28 -21.64
N HIS D 214 2.31 2.12 -22.30
CA HIS D 214 1.18 1.20 -22.42
C HIS D 214 1.70 -0.22 -22.38
N ILE D 215 1.34 -1.05 -23.35
CA ILE D 215 1.79 -2.43 -23.39
C ILE D 215 2.95 -2.52 -24.38
N CYS D 216 4.02 -3.19 -23.97
CA CYS D 216 5.24 -3.19 -24.78
C CYS D 216 5.00 -3.84 -26.14
N GLN D 217 5.82 -3.43 -27.11
CA GLN D 217 5.71 -3.86 -28.50
C GLN D 217 7.08 -4.26 -28.99
N PRO D 218 7.54 -5.46 -28.63
CA PRO D 218 8.90 -5.89 -29.00
C PRO D 218 9.10 -5.85 -30.51
N CYS D 219 10.24 -5.26 -30.91
CA CYS D 219 10.64 -5.04 -32.31
C CYS D 219 9.68 -4.14 -33.08
N GLY D 220 8.76 -3.48 -32.38
CA GLY D 220 7.77 -2.66 -33.05
C GLY D 220 8.36 -1.37 -33.60
N ILE D 221 7.75 -0.87 -34.68
CA ILE D 221 8.21 0.36 -35.31
C ILE D 221 8.16 1.55 -34.35
N SER D 222 7.21 1.57 -33.42
CA SER D 222 7.08 2.67 -32.46
C SER D 222 7.31 2.23 -31.03
N ARG D 223 8.07 1.15 -30.82
CA ARG D 223 8.28 0.62 -29.47
C ARG D 223 8.84 1.69 -28.56
N ASP D 224 8.40 1.67 -27.31
CA ASP D 224 8.76 2.72 -26.35
C ASP D 224 9.16 2.14 -25.01
N GLY D 225 9.66 0.91 -24.95
CA GLY D 225 10.15 0.42 -23.68
C GLY D 225 9.40 -0.78 -23.14
N ILE D 226 9.66 -1.13 -21.89
CA ILE D 226 9.33 -2.42 -21.36
C ILE D 226 8.10 -2.34 -20.46
N ASN D 227 7.54 -3.50 -20.12
CA ASN D 227 6.66 -3.66 -18.96
C ASN D 227 7.40 -4.60 -18.02
N ILE D 228 7.43 -4.27 -16.73
CA ILE D 228 8.05 -5.16 -15.76
C ILE D 228 7.07 -6.23 -15.33
N GLY D 229 7.57 -7.45 -15.10
CA GLY D 229 6.76 -8.53 -14.57
C GLY D 229 7.45 -9.21 -13.40
N GLU D 230 6.71 -10.10 -12.75
CA GLU D 230 7.24 -10.95 -11.69
C GLU D 230 7.04 -12.41 -12.09
N ALA D 231 8.00 -13.26 -11.74
CA ALA D 231 7.93 -14.67 -12.08
C ALA D 231 8.68 -15.50 -11.03
N ALA D 232 8.27 -16.75 -10.89
CA ALA D 232 8.97 -17.71 -10.04
C ALA D 232 9.06 -18.99 -10.85
N ALA D 233 10.27 -19.36 -11.27
CA ALA D 233 10.42 -20.50 -12.16
C ALA D 233 11.63 -21.32 -11.76
N PHE D 234 11.46 -22.65 -11.66
CA PHE D 234 12.51 -23.54 -11.21
C PHE D 234 12.64 -24.72 -12.14
N PHE D 235 13.85 -25.26 -12.19
CA PHE D 235 14.19 -26.47 -12.92
C PHE D 235 15.03 -27.37 -12.04
N VAL D 236 14.78 -28.66 -12.13
CA VAL D 236 15.60 -29.67 -11.47
C VAL D 236 16.45 -30.32 -12.54
N LEU D 237 17.75 -30.11 -12.45
CA LEU D 237 18.67 -30.61 -13.47
C LEU D 237 19.45 -31.80 -12.91
N SER D 238 19.74 -32.76 -13.79
CA SER D 238 20.63 -33.87 -13.46
C SER D 238 21.36 -34.28 -14.72
N LYS D 239 22.37 -35.14 -14.55
CA LYS D 239 23.11 -35.62 -15.71
C LYS D 239 22.33 -36.66 -16.52
N GLU D 240 21.17 -37.09 -16.03
CA GLU D 240 20.42 -38.12 -16.72
C GLU D 240 19.55 -37.51 -17.80
N GLN D 241 19.24 -38.32 -18.81
CA GLN D 241 18.37 -37.90 -19.89
C GLN D 241 17.02 -37.45 -19.33
N ALA D 242 16.31 -36.69 -20.16
CA ALA D 242 15.00 -36.15 -19.84
C ALA D 242 14.36 -35.72 -21.15
N PRO D 243 13.03 -35.54 -21.18
CA PRO D 243 12.39 -35.11 -22.44
C PRO D 243 13.04 -33.87 -23.06
N VAL D 244 13.44 -32.89 -22.24
CA VAL D 244 14.14 -31.72 -22.72
C VAL D 244 15.44 -31.61 -21.95
N MET D 245 16.52 -31.30 -22.66
CA MET D 245 17.81 -31.16 -22.03
C MET D 245 18.33 -29.75 -22.24
N LEU D 246 19.06 -29.25 -21.24
CA LEU D 246 19.82 -28.03 -21.40
C LEU D 246 21.16 -28.40 -22.02
N MET D 247 21.43 -27.88 -23.21
CA MET D 247 22.54 -28.41 -23.98
C MET D 247 23.70 -27.45 -24.10
N GLY D 248 23.46 -26.14 -24.06
CA GLY D 248 24.54 -25.20 -24.24
C GLY D 248 24.24 -23.87 -23.59
N ALA D 249 25.30 -23.18 -23.19
CA ALA D 249 25.20 -21.82 -22.67
C ALA D 249 26.38 -21.04 -23.23
N GLY D 250 26.12 -19.78 -23.59
CA GLY D 250 27.17 -18.88 -24.01
C GLY D 250 27.05 -17.58 -23.24
N GLU D 251 28.15 -17.15 -22.62
CA GLU D 251 28.14 -15.99 -21.74
C GLU D 251 29.23 -15.05 -22.20
N THR D 252 28.89 -13.76 -22.37
CA THR D 252 29.86 -12.75 -22.77
C THR D 252 29.60 -11.46 -22.00
N MET D 253 30.55 -10.53 -22.11
CA MET D 253 30.43 -9.18 -21.60
C MET D 253 30.61 -8.19 -22.75
N ASP D 254 29.69 -7.23 -22.87
CA ASP D 254 29.77 -6.17 -23.90
C ASP D 254 30.99 -5.26 -23.69
N ALA D 255 31.27 -4.89 -22.43
CA ALA D 255 32.31 -3.92 -22.10
C ALA D 255 32.11 -2.61 -22.88
N TRP D 256 30.86 -2.16 -22.95
CA TRP D 256 30.51 -1.00 -23.77
C TRP D 256 29.98 0.15 -22.92
N HIS D 257 28.83 -0.04 -22.27
CA HIS D 257 28.18 1.01 -21.50
C HIS D 257 27.44 0.37 -20.32
N ILE D 258 27.31 1.12 -19.23
CA ILE D 258 26.70 0.55 -18.03
C ILE D 258 25.19 0.30 -18.19
N SER D 259 24.51 1.01 -19.09
CA SER D 259 23.08 0.78 -19.26
C SER D 259 22.61 0.70 -20.71
N ALA D 260 23.51 0.73 -21.70
CA ALA D 260 23.10 0.57 -23.09
C ALA D 260 23.87 -0.57 -23.75
N PRO D 261 23.24 -1.34 -24.63
CA PRO D 261 23.94 -2.47 -25.27
C PRO D 261 24.89 -2.00 -26.37
N HIS D 262 25.89 -2.84 -26.62
CA HIS D 262 26.77 -2.62 -27.76
C HIS D 262 25.91 -2.44 -29.01
N PRO D 263 26.03 -1.32 -29.71
CA PRO D 263 25.09 -1.04 -30.81
C PRO D 263 25.20 -2.01 -31.98
N GLU D 264 26.31 -2.71 -32.16
CA GLU D 264 26.43 -3.74 -33.20
C GLU D 264 26.07 -5.13 -32.69
N GLY D 265 25.70 -5.25 -31.42
CA GLY D 265 25.35 -6.56 -30.89
C GLY D 265 26.50 -7.52 -30.83
N LYS D 266 27.73 -7.02 -30.70
CA LYS D 266 28.91 -7.88 -30.72
C LYS D 266 28.87 -8.91 -29.60
N GLY D 267 28.58 -8.48 -28.38
CA GLY D 267 28.51 -9.40 -27.26
C GLY D 267 27.36 -10.38 -27.36
N ALA D 268 26.19 -9.91 -27.82
CA ALA D 268 25.05 -10.81 -27.96
C ALA D 268 25.30 -11.87 -29.02
N ALA D 269 25.88 -11.48 -30.17
CA ALA D 269 26.16 -12.47 -31.21
C ALA D 269 27.18 -13.50 -30.72
N LEU D 270 28.22 -13.07 -30.01
CA LEU D 270 29.19 -14.04 -29.48
C LEU D 270 28.53 -14.98 -28.46
N ALA D 271 27.63 -14.46 -27.62
CA ALA D 271 26.95 -15.33 -26.67
C ALA D 271 26.16 -16.41 -27.41
N MET D 272 25.42 -16.01 -28.44
CA MET D 272 24.63 -16.98 -29.19
C MET D 272 25.53 -18.00 -29.86
N GLN D 273 26.61 -17.54 -30.52
CA GLN D 273 27.52 -18.48 -31.17
C GLN D 273 28.14 -19.45 -30.16
N ARG D 274 28.53 -18.96 -28.98
CA ARG D 274 29.16 -19.86 -28.01
C ARG D 274 28.17 -20.89 -27.47
N ALA D 275 26.90 -20.52 -27.36
CA ALA D 275 25.90 -21.50 -26.92
C ALA D 275 25.74 -22.62 -27.95
N LEU D 276 25.66 -22.25 -29.23
CA LEU D 276 25.62 -23.27 -30.29
C LEU D 276 26.84 -24.18 -30.23
N ASP D 277 28.03 -23.59 -30.10
CA ASP D 277 29.26 -24.36 -30.02
C ASP D 277 29.23 -25.35 -28.86
N MET D 278 28.84 -24.88 -27.66
CA MET D 278 28.76 -25.79 -26.53
C MET D 278 27.78 -26.94 -26.79
N ALA D 279 26.67 -26.65 -27.47
CA ALA D 279 25.67 -27.66 -27.78
C ALA D 279 26.08 -28.57 -28.94
N HIS D 280 27.14 -28.22 -29.67
CA HIS D 280 27.62 -28.97 -30.84
C HIS D 280 26.59 -28.96 -31.96
N ILE D 281 25.93 -27.81 -32.17
CA ILE D 281 24.98 -27.67 -33.27
C ILE D 281 25.33 -26.43 -34.08
N SER D 282 24.89 -26.43 -35.34
CA SER D 282 24.98 -25.22 -36.15
C SER D 282 23.70 -24.42 -36.02
N ALA D 283 23.80 -23.15 -36.41
CA ALA D 283 22.65 -22.23 -36.34
C ALA D 283 21.44 -22.79 -37.10
N GLN D 284 21.68 -23.49 -38.21
CA GLN D 284 20.60 -24.03 -39.04
C GLN D 284 19.77 -25.07 -38.30
N GLU D 285 20.31 -25.67 -37.25
CA GLU D 285 19.56 -26.70 -36.54
C GLU D 285 18.60 -26.12 -35.51
N VAL D 286 18.63 -24.80 -35.30
CA VAL D 286 17.74 -24.17 -34.32
C VAL D 286 16.40 -23.88 -34.98
N GLY D 287 15.32 -24.27 -34.30
CA GLY D 287 13.99 -24.12 -34.86
C GLY D 287 13.18 -22.98 -34.27
N TYR D 288 13.60 -22.41 -33.15
CA TYR D 288 12.91 -21.27 -32.56
C TYR D 288 13.85 -20.52 -31.63
N ILE D 289 13.76 -19.18 -31.64
CA ILE D 289 14.50 -18.35 -30.68
C ILE D 289 13.50 -17.54 -29.87
N ASN D 290 13.57 -17.67 -28.56
CA ASN D 290 12.87 -16.77 -27.66
C ASN D 290 13.80 -15.57 -27.43
N LEU D 291 13.46 -14.45 -28.05
CA LEU D 291 14.31 -13.27 -27.98
C LEU D 291 14.34 -12.74 -26.55
N HIS D 292 15.38 -11.97 -26.25
CA HIS D 292 15.29 -11.11 -25.08
C HIS D 292 14.19 -10.09 -25.30
N GLY D 293 14.24 -9.38 -26.43
CA GLY D 293 13.10 -8.63 -26.96
C GLY D 293 12.26 -7.86 -25.96
N THR D 294 12.91 -6.91 -25.29
CA THR D 294 12.29 -6.16 -24.21
C THR D 294 11.41 -5.03 -24.71
N ALA D 295 11.57 -4.59 -25.95
CA ALA D 295 10.86 -3.49 -26.63
C ALA D 295 11.45 -2.12 -26.35
N THR D 296 12.63 -2.01 -25.73
CA THR D 296 13.31 -0.73 -25.82
C THR D 296 13.89 -0.56 -27.22
N PRO D 297 14.03 0.68 -27.69
CA PRO D 297 14.67 0.90 -29.00
C PRO D 297 16.04 0.25 -29.10
N GLN D 298 16.91 0.47 -28.11
CA GLN D 298 18.28 -0.01 -28.28
C GLN D 298 18.39 -1.53 -28.18
N ASN D 299 17.59 -2.20 -27.34
CA ASN D 299 17.78 -3.64 -27.20
C ASN D 299 17.40 -4.38 -28.48
N ASP D 300 16.18 -4.17 -28.95
CA ASP D 300 15.70 -4.93 -30.10
C ASP D 300 16.55 -4.65 -31.33
N ALA D 301 17.02 -3.40 -31.50
CA ALA D 301 17.83 -3.08 -32.67
C ALA D 301 19.15 -3.84 -32.62
N MET D 302 19.76 -3.86 -31.45
CA MET D 302 21.00 -4.60 -31.25
C MET D 302 20.77 -6.10 -31.37
N GLU D 303 19.68 -6.61 -30.80
CA GLU D 303 19.48 -8.05 -30.76
C GLU D 303 19.23 -8.62 -32.15
N ILE D 304 18.44 -7.92 -32.97
CA ILE D 304 18.15 -8.46 -34.29
C ILE D 304 19.41 -8.43 -35.15
N LYS D 305 20.24 -7.39 -35.01
CA LYS D 305 21.55 -7.39 -35.68
C LYS D 305 22.35 -8.63 -35.31
N ALA D 306 22.40 -8.93 -34.02
CA ALA D 306 23.11 -10.12 -33.57
C ALA D 306 22.47 -11.40 -34.12
N VAL D 307 21.14 -11.48 -34.10
CA VAL D 307 20.48 -12.65 -34.68
C VAL D 307 20.82 -12.77 -36.16
N ARG D 308 20.80 -11.64 -36.89
CA ARG D 308 21.11 -11.68 -38.32
C ARG D 308 22.54 -12.16 -38.56
N GLN D 309 23.47 -11.73 -37.69
CA GLN D 309 24.86 -12.15 -37.78
C GLN D 309 24.99 -13.67 -37.62
N VAL D 310 24.30 -14.26 -36.67
CA VAL D 310 24.47 -15.68 -36.36
C VAL D 310 23.55 -16.56 -37.19
N PHE D 311 22.34 -16.10 -37.48
CA PHE D 311 21.32 -16.94 -38.07
C PHE D 311 20.90 -16.50 -39.47
N GLY D 312 21.38 -15.35 -39.95
CA GLY D 312 21.03 -14.91 -41.27
C GLY D 312 19.66 -14.24 -41.31
N VAL D 313 19.06 -14.26 -42.49
CA VAL D 313 17.76 -13.62 -42.71
C VAL D 313 16.73 -14.69 -43.05
N TYR D 314 15.56 -14.59 -42.43
CA TYR D 314 14.41 -15.45 -42.74
C TYR D 314 14.68 -16.94 -42.49
N GLN D 315 15.54 -17.30 -41.54
CA GLN D 315 15.89 -18.71 -41.38
C GLN D 315 15.32 -19.37 -40.13
N VAL D 316 14.87 -18.61 -39.13
CA VAL D 316 14.52 -19.21 -37.85
C VAL D 316 13.31 -18.49 -37.28
N ALA D 317 12.30 -19.26 -36.84
CA ALA D 317 11.14 -18.67 -36.18
C ALA D 317 11.57 -17.98 -34.89
N LEU D 318 10.99 -16.82 -34.61
CA LEU D 318 11.34 -16.21 -33.34
C LEU D 318 10.20 -15.35 -32.82
N SER D 319 10.23 -15.15 -31.51
CA SER D 319 9.31 -14.22 -30.88
C SER D 319 9.88 -13.79 -29.55
N SER D 320 9.46 -12.61 -29.11
CA SER D 320 9.54 -12.22 -27.72
C SER D 320 8.22 -12.56 -27.03
N THR D 321 8.30 -13.02 -25.78
CA THR D 321 7.11 -13.25 -24.99
C THR D 321 6.97 -12.23 -23.87
N LYS D 322 7.78 -11.18 -23.87
CA LYS D 322 7.78 -10.23 -22.78
C LYS D 322 6.49 -9.41 -22.75
N HIS D 323 5.74 -9.35 -23.85
CA HIS D 323 4.41 -8.76 -23.75
C HIS D 323 3.43 -9.61 -22.95
N LYS D 324 3.76 -10.88 -22.69
CA LYS D 324 2.87 -11.78 -21.95
C LYS D 324 3.26 -11.92 -20.49
N THR D 325 4.56 -12.07 -20.23
CA THR D 325 5.11 -12.21 -18.89
C THR D 325 5.51 -10.87 -18.29
N GLY D 326 5.71 -9.85 -19.12
CA GLY D 326 6.47 -8.68 -18.74
C GLY D 326 7.95 -9.03 -18.74
N HIS D 327 8.81 -8.01 -18.62
CA HIS D 327 10.23 -8.24 -18.41
C HIS D 327 10.40 -8.60 -16.94
N CYS D 328 10.64 -9.86 -16.65
CA CYS D 328 10.68 -10.31 -15.26
C CYS D 328 12.05 -10.14 -14.63
N LEU D 329 12.94 -9.38 -15.26
CA LEU D 329 14.20 -8.93 -14.66
C LEU D 329 15.01 -10.15 -14.24
N GLY D 330 15.40 -10.29 -12.96
CA GLY D 330 16.19 -11.44 -12.55
C GLY D 330 15.60 -12.77 -12.96
N ALA D 331 14.28 -12.87 -13.03
CA ALA D 331 13.58 -14.11 -13.34
C ALA D 331 13.29 -14.31 -14.82
N ALA D 332 13.69 -13.36 -15.68
CA ALA D 332 13.35 -13.43 -17.09
C ALA D 332 13.86 -14.72 -17.73
N GLY D 333 15.14 -15.05 -17.47
CA GLY D 333 15.73 -16.21 -18.11
C GLY D 333 15.03 -17.50 -17.73
N ALA D 334 14.62 -17.60 -16.46
CA ALA D 334 14.00 -18.83 -15.97
C ALA D 334 12.60 -19.02 -16.56
N ILE D 335 11.79 -17.96 -16.54
CA ILE D 335 10.43 -18.12 -17.08
C ILE D 335 10.49 -18.35 -18.57
N GLU D 336 11.45 -17.74 -19.26
CA GLU D 336 11.58 -17.97 -20.70
C GLU D 336 12.12 -19.36 -21.00
N ALA D 337 13.02 -19.89 -20.16
CA ALA D 337 13.42 -21.29 -20.34
C ALA D 337 12.25 -22.24 -20.14
N PHE D 338 11.35 -21.91 -19.21
CA PHE D 338 10.18 -22.76 -18.99
C PHE D 338 9.30 -22.81 -20.23
N ILE D 339 9.06 -21.64 -20.84
CA ILE D 339 8.34 -21.57 -22.11
C ILE D 339 9.04 -22.40 -23.17
N CYS D 340 10.37 -22.28 -23.27
CA CYS D 340 11.10 -23.04 -24.28
C CYS D 340 11.03 -24.54 -24.04
N GLU D 341 11.02 -24.97 -22.77
CA GLU D 341 10.87 -26.39 -22.45
C GLU D 341 9.51 -26.91 -22.91
N GLN D 342 8.44 -26.18 -22.63
CA GLN D 342 7.09 -26.60 -23.05
C GLN D 342 6.98 -26.69 -24.56
N VAL D 343 7.63 -25.78 -25.29
CA VAL D 343 7.62 -25.84 -26.75
C VAL D 343 8.23 -27.15 -27.24
N LEU D 344 9.39 -27.52 -26.68
CA LEU D 344 10.07 -28.74 -27.12
C LEU D 344 9.32 -29.99 -26.72
N LYS D 345 8.66 -29.98 -25.56
CA LYS D 345 7.89 -31.15 -25.13
C LYS D 345 6.67 -31.37 -26.01
N ASP D 346 6.00 -30.29 -26.41
CA ASP D 346 4.70 -30.44 -27.07
C ASP D 346 4.81 -30.69 -28.56
N GLN D 347 5.81 -30.09 -29.23
CA GLN D 347 5.99 -30.24 -30.68
C GLN D 347 4.70 -29.95 -31.44
N SER D 348 4.10 -28.76 -31.19
CA SER D 348 2.85 -28.43 -31.85
C SER D 348 2.62 -26.93 -31.96
N TRP D 349 3.23 -26.13 -31.07
CA TRP D 349 2.94 -24.71 -31.05
C TRP D 349 4.23 -23.91 -30.82
N LEU D 350 4.20 -22.65 -31.26
CA LEU D 350 5.21 -21.68 -30.89
C LEU D 350 4.55 -20.47 -30.22
N PRO D 351 5.27 -19.77 -29.34
CA PRO D 351 4.67 -18.61 -28.67
C PRO D 351 4.55 -17.42 -29.63
N LEU D 352 3.35 -16.84 -29.68
CA LEU D 352 3.07 -15.71 -30.56
C LEU D 352 3.90 -14.48 -30.21
N HIS D 353 4.42 -13.80 -31.23
CA HIS D 353 4.97 -12.46 -31.05
C HIS D 353 3.83 -11.45 -30.92
N GLN D 354 4.11 -10.34 -30.23
CA GLN D 354 3.16 -9.23 -30.18
C GLN D 354 2.68 -8.90 -31.60
N ASN D 355 1.38 -8.68 -31.76
CA ASN D 355 0.84 -8.32 -33.07
C ASN D 355 1.07 -6.83 -33.25
N VAL D 356 2.15 -6.48 -33.95
CA VAL D 356 2.56 -5.09 -34.11
C VAL D 356 3.21 -4.94 -35.48
N GLU D 357 3.26 -3.70 -35.95
CA GLU D 357 4.02 -3.40 -37.16
C GLU D 357 5.52 -3.44 -36.85
N ILE D 358 6.24 -4.40 -37.43
CA ILE D 358 7.66 -4.55 -37.13
C ILE D 358 8.45 -3.39 -37.74
N ASP D 359 9.35 -2.84 -36.96
CA ASP D 359 10.40 -1.91 -37.38
C ASP D 359 11.02 -2.39 -38.68
N PRO D 360 11.03 -1.55 -39.73
CA PRO D 360 11.61 -1.98 -41.02
C PRO D 360 13.05 -2.46 -40.91
N ASP D 361 13.85 -1.86 -40.01
CA ASP D 361 15.20 -2.35 -39.77
C ASP D 361 15.24 -3.80 -39.33
N LEU D 362 14.14 -4.31 -38.75
CA LEU D 362 14.15 -5.62 -38.09
C LEU D 362 13.22 -6.63 -38.72
N VAL D 363 12.67 -6.35 -39.90
CA VAL D 363 11.56 -7.15 -40.41
C VAL D 363 12.02 -8.39 -41.17
N ASP D 364 13.31 -8.52 -41.48
CA ASP D 364 13.80 -9.64 -42.28
C ASP D 364 13.99 -10.95 -41.49
N GLN D 365 13.06 -11.25 -40.59
CA GLN D 365 13.09 -12.45 -39.76
C GLN D 365 11.68 -13.01 -39.71
N ASN D 366 11.56 -14.28 -39.33
CA ASN D 366 10.26 -14.97 -39.33
C ASN D 366 9.66 -14.88 -37.93
N TYR D 367 9.05 -13.75 -37.64
CA TYR D 367 8.35 -13.60 -36.37
C TYR D 367 7.15 -14.54 -36.33
N VAL D 368 6.88 -15.09 -35.14
CA VAL D 368 5.78 -16.03 -34.98
C VAL D 368 4.45 -15.25 -34.98
N GLN D 369 3.67 -15.41 -36.05
CA GLN D 369 2.35 -14.77 -36.07
C GLN D 369 1.19 -15.74 -35.95
N GLU D 370 1.42 -17.02 -36.19
CA GLU D 370 0.44 -18.05 -35.91
C GLU D 370 1.10 -19.09 -35.03
N ALA D 371 0.34 -19.64 -34.09
CA ALA D 371 0.92 -20.54 -33.10
C ALA D 371 1.25 -21.92 -33.65
N GLU D 372 0.60 -22.35 -34.74
CA GLU D 372 0.78 -23.71 -35.21
C GLU D 372 2.21 -23.95 -35.69
N LEU D 373 2.83 -25.02 -35.18
CA LEU D 373 4.16 -25.44 -35.60
C LEU D 373 4.01 -26.51 -36.68
N THR D 374 4.56 -26.26 -37.86
CA THR D 374 4.30 -27.10 -39.01
C THR D 374 5.21 -28.32 -39.12
N GLN D 375 6.39 -28.28 -38.51
CA GLN D 375 7.37 -29.36 -38.61
C GLN D 375 8.14 -29.44 -37.30
N PRO D 376 8.57 -30.63 -36.90
CA PRO D 376 9.20 -30.76 -35.57
C PRO D 376 10.49 -29.97 -35.50
N ILE D 377 10.84 -29.56 -34.28
CA ILE D 377 12.11 -28.90 -34.05
C ILE D 377 12.86 -29.62 -32.94
N ARG D 378 14.18 -29.68 -33.07
CA ARG D 378 15.02 -30.35 -32.09
C ARG D 378 15.72 -29.41 -31.12
N TYR D 379 15.88 -28.14 -31.46
CA TYR D 379 16.63 -27.22 -30.60
C TYR D 379 15.96 -25.85 -30.59
N VAL D 380 16.04 -25.21 -29.42
CA VAL D 380 15.50 -23.88 -29.19
C VAL D 380 16.56 -23.05 -28.46
N MET D 381 16.59 -21.75 -28.73
CA MET D 381 17.53 -20.83 -28.10
C MET D 381 16.73 -19.78 -27.35
N SER D 382 17.25 -19.33 -26.21
CA SER D 382 16.68 -18.22 -25.44
C SER D 382 17.77 -17.26 -24.99
N ASN D 383 17.52 -15.97 -25.16
CA ASN D 383 18.50 -14.91 -24.94
C ASN D 383 18.12 -14.07 -23.72
N SER D 384 19.14 -13.64 -22.96
CA SER D 384 18.99 -12.66 -21.89
C SER D 384 20.17 -11.71 -21.98
N PHE D 385 19.92 -10.42 -22.20
CA PHE D 385 20.97 -9.42 -22.41
C PHE D 385 20.73 -8.26 -21.44
N ALA D 386 21.54 -8.17 -20.37
CA ALA D 386 21.24 -7.41 -19.15
C ALA D 386 22.16 -6.20 -18.94
N PHE D 387 21.92 -5.51 -17.82
CA PHE D 387 22.71 -4.34 -17.45
C PHE D 387 24.17 -4.72 -17.17
N GLY D 388 25.05 -3.75 -17.38
CA GLY D 388 26.46 -4.05 -17.23
C GLY D 388 27.01 -4.87 -18.37
N GLY D 389 26.30 -4.93 -19.49
CA GLY D 389 26.73 -5.72 -20.63
C GLY D 389 26.74 -7.22 -20.42
N SER D 390 26.03 -7.73 -19.41
CA SER D 390 26.05 -9.17 -19.14
C SER D 390 25.11 -9.89 -20.10
N ASN D 391 25.67 -10.79 -20.93
CA ASN D 391 24.90 -11.50 -21.96
C ASN D 391 24.95 -12.99 -21.72
N ILE D 392 23.82 -13.66 -21.93
CA ILE D 392 23.78 -15.12 -21.93
C ILE D 392 22.72 -15.61 -22.92
N SER D 393 23.06 -16.68 -23.63
CA SER D 393 22.14 -17.34 -24.54
C SER D 393 22.15 -18.80 -24.14
N LEU D 394 20.97 -19.42 -24.03
CA LEU D 394 20.84 -20.83 -23.68
C LEU D 394 20.28 -21.61 -24.86
N VAL D 395 20.75 -22.86 -25.03
CA VAL D 395 20.26 -23.72 -26.10
C VAL D 395 19.66 -24.96 -25.45
N PHE D 396 18.40 -25.27 -25.79
CA PHE D 396 17.73 -26.45 -25.27
C PHE D 396 17.49 -27.41 -26.43
N GLY D 397 17.45 -28.71 -26.13
CA GLY D 397 17.16 -29.68 -27.16
C GLY D 397 16.36 -30.86 -26.64
N VAL D 398 15.76 -31.60 -27.57
CA VAL D 398 14.99 -32.77 -27.16
C VAL D 398 15.94 -33.92 -26.88
#